data_6V8F
#
_entry.id   6V8F
#
_cell.length_a   190.489
_cell.length_b   190.489
_cell.length_c   115.184
_cell.angle_alpha   90.000
_cell.angle_beta   90.000
_cell.angle_gamma   120.000
#
_symmetry.space_group_name_H-M   'P 65 2 2'
#
loop_
_entity.id
_entity.type
_entity.pdbx_description
1 polymer 'Fumarate hydratase, mitochondrial'
2 non-polymer 'SULFATE ION'
3 non-polymer GLYCEROL
4 non-polymer 'CHLORIDE ION'
5 water water
#
_entity_poly.entity_id   1
_entity_poly.type   'polypeptide(L)'
_entity_poly.pdbx_seq_one_letter_code
;ASQNSFRIEYDTFGELKVPNDKYYGAQTVRSTMNFKIGGVTERMPTPVIKAFGILKRAAAEVNQDYGLDPKIANAIMKAA
DEVAEGKLNDHFPLVVWQTGSGTQTNMNVNEVISNRAIEMLGGELGSKIPVHPNDHVNKSRSSNDTFPTAMHIAAAIEVH
EVLLPGLQKLHDALDAKSKEFAQIIKIGRTHTQDAVPLTLGQEFSGYVQQVKYAMTRIKAAMPRIYELAAGGTAVGTGLN
TRIGFAEKVAAKVAALTGLPFVTAPNKFEALAAHDALVELSGAMNTTACSLMKIANDIRFLGSGPRSGLGELILPENEPG
SSIMPGKVNPTQCEAMTMVAAQVMGNHVAVTVGGSNGHFELNVFKPMMIKNVLHSARLLGDASVSFTENCVVGIQANTER
INKLMNESLMLVTALNPHIGYDKAAKIAKTAHKNGSTLKETAIELGYLTAEQFDEWVKPKDMLGPK
;
_entity_poly.pdbx_strand_id   A,B
#
loop_
_chem_comp.id
_chem_comp.type
_chem_comp.name
_chem_comp.formula
CL non-polymer 'CHLORIDE ION' 'Cl -1'
GOL non-polymer GLYCEROL 'C3 H8 O3'
SO4 non-polymer 'SULFATE ION' 'O4 S -2'
#
# COMPACT_ATOMS: atom_id res chain seq x y z
N SER A 5 -11.06 33.25 36.52
CA SER A 5 -10.19 33.62 35.40
C SER A 5 -9.16 32.53 35.19
N PHE A 6 -8.18 32.50 36.10
CA PHE A 6 -6.99 31.68 35.96
C PHE A 6 -6.54 31.14 37.31
N ARG A 7 -5.88 29.99 37.27
CA ARG A 7 -5.03 29.56 38.36
C ARG A 7 -3.57 29.59 37.90
N ILE A 8 -2.66 29.60 38.87
CA ILE A 8 -1.23 29.71 38.57
C ILE A 8 -0.58 28.37 38.88
N GLU A 9 0.09 27.81 37.87
CA GLU A 9 0.88 26.60 38.02
C GLU A 9 2.33 26.91 37.67
N TYR A 10 3.20 25.94 37.93
CA TYR A 10 4.64 26.17 37.80
C TYR A 10 5.31 24.97 37.13
N ASP A 11 6.10 25.24 36.11
CA ASP A 11 7.17 24.36 35.69
C ASP A 11 8.49 24.99 36.12
N THR A 12 9.59 24.28 35.90
CA THR A 12 10.87 24.79 36.38
C THR A 12 11.39 25.96 35.56
N PHE A 13 10.72 26.33 34.46
CA PHE A 13 11.15 27.48 33.67
C PHE A 13 10.45 28.77 34.09
N GLY A 14 9.45 28.70 34.95
CA GLY A 14 8.73 29.87 35.39
C GLY A 14 7.32 29.50 35.81
N GLU A 15 6.43 30.48 35.71
CA GLU A 15 5.04 30.32 36.12
C GLU A 15 4.12 30.42 34.91
N LEU A 16 2.98 29.74 35.00
CA LEU A 16 2.04 29.64 33.89
C LEU A 16 0.62 29.82 34.40
N LYS A 17 -0.15 30.62 33.68
CA LYS A 17 -1.56 30.83 34.00
C LYS A 17 -2.40 29.77 33.30
N VAL A 18 -3.06 28.94 34.08
CA VAL A 18 -3.93 27.89 33.57
C VAL A 18 -5.37 28.32 33.78
N PRO A 19 -6.21 28.30 32.75
CA PRO A 19 -7.62 28.72 32.93
C PRO A 19 -8.31 27.87 33.99
N ASN A 20 -9.14 28.52 34.80
CA ASN A 20 -9.76 27.87 35.94
C ASN A 20 -10.63 26.69 35.52
N ASP A 21 -11.23 26.75 34.33
CA ASP A 21 -12.18 25.73 33.89
C ASP A 21 -11.54 24.65 33.03
N LYS A 22 -10.21 24.53 33.05
CA LYS A 22 -9.49 23.54 32.26
C LYS A 22 -8.83 22.52 33.16
N TYR A 23 -8.83 21.26 32.72
CA TYR A 23 -8.20 20.18 33.48
C TYR A 23 -6.74 19.95 33.10
N TYR A 24 -6.24 20.61 32.06
CA TYR A 24 -4.82 20.48 31.77
C TYR A 24 -4.01 21.38 32.69
N GLY A 25 -2.69 21.20 32.66
CA GLY A 25 -1.82 21.83 33.64
C GLY A 25 -0.71 22.63 32.99
N ALA A 26 0.38 22.78 33.75
CA ALA A 26 1.47 23.66 33.35
C ALA A 26 2.18 23.15 32.11
N GLN A 27 2.40 21.84 32.01
CA GLN A 27 3.16 21.30 30.89
C GLN A 27 2.37 21.43 29.59
N THR A 28 1.04 21.32 29.64
CA THR A 28 0.25 21.53 28.44
C THR A 28 0.28 22.99 28.01
N VAL A 29 0.18 23.91 28.96
CA VAL A 29 0.24 25.33 28.63
C VAL A 29 1.62 25.69 28.08
N ARG A 30 2.69 25.12 28.65
CA ARG A 30 4.02 25.32 28.10
C ARG A 30 4.11 24.78 26.68
N SER A 31 3.44 23.67 26.41
CA SER A 31 3.54 23.04 25.10
C SER A 31 2.79 23.86 24.04
N THR A 32 1.63 24.43 24.40
N THR A 32 1.62 24.40 24.40
CA THR A 32 0.87 25.22 23.44
CA THR A 32 0.87 25.24 23.46
C THR A 32 1.47 26.60 23.20
C THR A 32 1.67 26.48 23.08
N MET A 33 2.41 27.04 24.04
CA MET A 33 3.11 28.30 23.80
C MET A 33 4.23 28.14 22.78
N ASN A 34 4.85 26.96 22.71
CA ASN A 34 6.04 26.74 21.91
C ASN A 34 5.76 26.17 20.53
N PHE A 35 4.52 25.76 20.24
CA PHE A 35 4.17 25.12 18.97
C PHE A 35 2.88 25.74 18.44
N LYS A 36 2.96 27.01 18.04
CA LYS A 36 1.84 27.71 17.42
C LYS A 36 1.90 27.49 15.91
N ILE A 37 1.52 26.27 15.52
CA ILE A 37 1.64 25.81 14.13
C ILE A 37 0.28 25.25 13.71
N GLY A 38 -0.47 26.03 12.93
CA GLY A 38 -1.57 25.53 12.13
C GLY A 38 -2.95 26.01 12.57
N GLY A 39 -3.16 26.26 13.84
CA GLY A 39 -4.47 26.64 14.32
C GLY A 39 -5.27 25.47 14.84
N VAL A 40 -6.55 25.73 15.10
CA VAL A 40 -7.37 24.78 15.84
C VAL A 40 -7.73 23.57 14.99
N THR A 41 -7.78 23.70 13.67
CA THR A 41 -8.02 22.52 12.83
C THR A 41 -6.86 21.54 12.89
N GLU A 42 -5.70 21.95 13.40
CA GLU A 42 -4.53 21.10 13.49
C GLU A 42 -4.38 20.43 14.85
N ARG A 43 -5.39 20.54 15.72
CA ARG A 43 -5.32 19.88 17.02
C ARG A 43 -5.28 18.37 16.83
N MET A 44 -4.76 17.69 17.86
CA MET A 44 -4.65 16.25 17.83
C MET A 44 -6.02 15.62 17.55
N PRO A 45 -6.12 14.68 16.62
CA PRO A 45 -7.43 14.11 16.28
C PRO A 45 -8.09 13.48 17.49
N THR A 46 -9.40 13.68 17.60
CA THR A 46 -10.18 13.12 18.71
C THR A 46 -10.02 11.62 18.87
N PRO A 47 -9.97 10.79 17.81
CA PRO A 47 -9.73 9.36 18.03
C PRO A 47 -8.44 9.04 18.79
N VAL A 48 -7.40 9.86 18.64
CA VAL A 48 -6.18 9.65 19.40
C VAL A 48 -6.40 9.99 20.87
N ILE A 49 -7.11 11.09 21.13
CA ILE A 49 -7.42 11.47 22.51
C ILE A 49 -8.23 10.37 23.19
N LYS A 50 -9.26 9.88 22.50
CA LYS A 50 -10.10 8.82 23.06
C LYS A 50 -9.29 7.55 23.29
N ALA A 51 -8.41 7.21 22.34
CA ALA A 51 -7.57 6.02 22.50
C ALA A 51 -6.67 6.14 23.72
N PHE A 52 -6.16 7.34 23.98
CA PHE A 52 -5.35 7.57 25.18
C PHE A 52 -6.17 7.29 26.45
N GLY A 53 -7.44 7.70 26.45
CA GLY A 53 -8.30 7.40 27.59
C GLY A 53 -8.48 5.91 27.80
N ILE A 54 -8.61 5.16 26.71
CA ILE A 54 -8.68 3.70 26.82
C ILE A 54 -7.38 3.15 27.39
N LEU A 55 -6.24 3.62 26.87
CA LEU A 55 -4.95 3.12 27.31
C LEU A 55 -4.72 3.41 28.79
N LYS A 56 -5.00 4.64 29.22
CA LYS A 56 -4.78 5.01 30.61
C LYS A 56 -5.72 4.26 31.54
N ARG A 57 -6.96 4.03 31.11
CA ARG A 57 -7.87 3.17 31.86
C ARG A 57 -7.29 1.76 32.01
N ALA A 58 -6.72 1.23 30.93
CA ALA A 58 -6.16 -0.12 30.98
C ALA A 58 -4.94 -0.18 31.89
N ALA A 59 -4.06 0.82 31.79
CA ALA A 59 -2.84 0.81 32.60
C ALA A 59 -3.17 0.94 34.09
N ALA A 60 -4.14 1.79 34.42
CA ALA A 60 -4.49 2.00 35.83
C ALA A 60 -5.06 0.72 36.46
N GLU A 61 -5.89 -0.02 35.72
CA GLU A 61 -6.42 -1.27 36.22
C GLU A 61 -5.30 -2.29 36.42
N VAL A 62 -4.40 -2.40 35.44
CA VAL A 62 -3.29 -3.35 35.54
C VAL A 62 -2.32 -2.94 36.65
N ASN A 63 -2.08 -1.63 36.80
CA ASN A 63 -1.10 -1.16 37.77
C ASN A 63 -1.49 -1.47 39.20
N GLN A 64 -2.74 -1.83 39.46
CA GLN A 64 -3.13 -2.27 40.80
C GLN A 64 -2.38 -3.54 41.19
N ASP A 65 -2.04 -4.38 40.22
CA ASP A 65 -1.24 -5.57 40.48
C ASP A 65 0.18 -5.24 40.92
N TYR A 66 0.62 -3.99 40.73
CA TYR A 66 1.97 -3.57 41.11
C TYR A 66 1.97 -2.51 42.20
N GLY A 67 0.83 -2.32 42.88
CA GLY A 67 0.78 -1.50 44.08
C GLY A 67 -0.01 -0.21 43.97
N LEU A 68 -0.54 0.13 42.80
CA LEU A 68 -1.32 1.35 42.67
C LEU A 68 -2.55 1.30 43.58
N ASP A 69 -2.75 2.35 44.37
CA ASP A 69 -3.80 2.34 45.38
C ASP A 69 -5.17 2.19 44.70
N PRO A 70 -6.03 1.30 45.19
CA PRO A 70 -7.31 1.05 44.50
C PRO A 70 -8.19 2.29 44.39
N LYS A 71 -8.25 3.12 45.43
CA LYS A 71 -9.10 4.31 45.36
C LYS A 71 -8.54 5.32 44.36
N ILE A 72 -7.22 5.46 44.29
CA ILE A 72 -6.60 6.29 43.26
C ILE A 72 -6.83 5.68 41.88
N ALA A 73 -6.65 4.36 41.76
CA ALA A 73 -6.80 3.70 40.47
C ALA A 73 -8.22 3.80 39.95
N ASN A 74 -9.21 3.69 40.84
N ASN A 74 -9.20 3.65 40.84
CA ASN A 74 -10.60 3.74 40.40
CA ASN A 74 -10.60 3.74 40.42
C ASN A 74 -11.01 5.16 40.01
C ASN A 74 -10.96 5.14 39.97
N ALA A 75 -10.38 6.17 40.60
CA ALA A 75 -10.63 7.54 40.18
C ALA A 75 -10.00 7.82 38.82
N ILE A 76 -8.79 7.29 38.60
CA ILE A 76 -8.15 7.42 37.29
C ILE A 76 -9.00 6.73 36.22
N MET A 77 -9.50 5.54 36.53
CA MET A 77 -10.30 4.80 35.55
C MET A 77 -11.56 5.56 35.17
N LYS A 78 -12.22 6.18 36.16
CA LYS A 78 -13.42 6.94 35.85
C LYS A 78 -13.10 8.19 35.03
N ALA A 79 -12.02 8.89 35.38
CA ALA A 79 -11.61 10.05 34.60
C ALA A 79 -11.15 9.66 33.20
N ALA A 80 -10.41 8.56 33.08
CA ALA A 80 -9.98 8.10 31.78
C ALA A 80 -11.17 7.68 30.92
N ASP A 81 -12.21 7.11 31.55
CA ASP A 81 -13.41 6.77 30.81
C ASP A 81 -14.07 8.01 30.23
N GLU A 82 -14.01 9.13 30.95
CA GLU A 82 -14.57 10.38 30.42
C GLU A 82 -13.78 10.87 29.22
N VAL A 83 -12.46 10.66 29.22
CA VAL A 83 -11.66 11.00 28.06
C VAL A 83 -12.01 10.10 26.88
N ALA A 84 -12.12 8.80 27.14
CA ALA A 84 -12.42 7.85 26.06
C ALA A 84 -13.81 8.07 25.47
N GLU A 85 -14.76 8.53 26.29
CA GLU A 85 -16.12 8.76 25.84
C GLU A 85 -16.30 10.13 25.20
N GLY A 86 -15.23 10.90 25.03
CA GLY A 86 -15.33 12.18 24.35
C GLY A 86 -15.97 13.28 25.16
N LYS A 87 -15.90 13.21 26.49
CA LYS A 87 -16.52 14.20 27.36
C LYS A 87 -15.58 15.33 27.74
N LEU A 88 -14.29 15.23 27.41
CA LEU A 88 -13.29 16.20 27.84
C LEU A 88 -12.47 16.70 26.66
N ASN A 89 -13.09 16.79 25.48
CA ASN A 89 -12.33 17.14 24.28
C ASN A 89 -11.76 18.55 24.34
N ASP A 90 -12.41 19.48 25.06
CA ASP A 90 -11.94 20.85 25.10
C ASP A 90 -10.76 21.06 26.04
N HIS A 91 -10.20 19.98 26.59
CA HIS A 91 -9.06 20.06 27.48
C HIS A 91 -7.77 19.56 26.82
N PHE A 92 -7.75 19.53 25.49
CA PHE A 92 -6.61 19.05 24.72
C PHE A 92 -6.38 20.05 23.59
N PRO A 93 -5.61 21.11 23.85
CA PRO A 93 -5.39 22.15 22.84
C PRO A 93 -4.14 21.99 21.99
N LEU A 94 -3.39 20.90 22.18
CA LEU A 94 -2.14 20.72 21.45
C LEU A 94 -2.39 20.36 19.99
N VAL A 95 -1.50 20.83 19.13
CA VAL A 95 -1.60 20.56 17.71
C VAL A 95 -0.81 19.29 17.38
N VAL A 96 -1.05 18.75 16.20
CA VAL A 96 -0.29 17.61 15.71
C VAL A 96 1.19 17.97 15.59
N TRP A 97 1.48 19.21 15.24
CA TRP A 97 2.84 19.66 14.92
C TRP A 97 3.59 20.00 16.21
N GLN A 98 3.82 18.96 17.01
CA GLN A 98 4.53 19.06 18.27
C GLN A 98 5.81 18.25 18.21
N THR A 99 6.28 17.76 19.35
CA THR A 99 7.39 16.81 19.36
C THR A 99 7.02 15.57 18.56
N GLY A 100 7.99 15.03 17.83
CA GLY A 100 7.72 13.90 16.95
C GLY A 100 7.37 12.62 17.66
N SER A 101 7.63 12.52 18.97
CA SER A 101 7.25 11.34 19.73
C SER A 101 5.82 11.40 20.22
N GLY A 102 5.21 12.58 20.24
CA GLY A 102 3.86 12.72 20.76
C GLY A 102 3.76 12.68 22.27
N THR A 103 4.88 12.76 22.98
CA THR A 103 4.84 12.68 24.44
C THR A 103 4.22 13.90 25.08
N GLN A 104 4.16 15.03 24.37
CA GLN A 104 3.50 16.20 24.91
C GLN A 104 1.99 16.00 25.01
N THR A 105 1.41 15.28 24.05
CA THR A 105 0.01 14.89 24.16
C THR A 105 -0.17 13.83 25.25
N ASN A 106 0.83 12.95 25.44
CA ASN A 106 0.78 12.01 26.55
C ASN A 106 0.72 12.75 27.88
N MET A 107 1.51 13.81 28.04
CA MET A 107 1.46 14.59 29.27
C MET A 107 0.15 15.36 29.39
N ASN A 108 -0.37 15.85 28.26
CA ASN A 108 -1.70 16.46 28.26
C ASN A 108 -2.73 15.51 28.82
N VAL A 109 -2.68 14.24 28.41
CA VAL A 109 -3.62 13.24 28.91
C VAL A 109 -3.37 12.97 30.39
N ASN A 110 -2.10 12.91 30.79
CA ASN A 110 -1.79 12.67 32.20
C ASN A 110 -2.31 13.79 33.09
N GLU A 111 -2.15 15.05 32.65
CA GLU A 111 -2.61 16.18 33.47
C GLU A 111 -4.13 16.23 33.53
N VAL A 112 -4.81 16.01 32.40
CA VAL A 112 -6.27 16.09 32.37
C VAL A 112 -6.88 15.00 33.26
N ILE A 113 -6.40 13.77 33.12
CA ILE A 113 -6.97 12.67 33.89
C ILE A 113 -6.67 12.84 35.37
N SER A 114 -5.48 13.33 35.71
CA SER A 114 -5.13 13.53 37.11
C SER A 114 -5.97 14.62 37.74
N ASN A 115 -6.14 15.75 37.05
CA ASN A 115 -6.92 16.86 37.60
C ASN A 115 -8.40 16.50 37.71
N ARG A 116 -8.93 15.76 36.72
CA ARG A 116 -10.32 15.34 36.80
C ARG A 116 -10.55 14.33 37.92
N ALA A 117 -9.59 13.42 38.11
CA ALA A 117 -9.69 12.47 39.21
C ALA A 117 -9.52 13.17 40.55
N ILE A 118 -8.65 14.18 40.61
CA ILE A 118 -8.51 14.99 41.81
C ILE A 118 -9.83 15.68 42.14
N GLU A 119 -10.51 16.22 41.11
CA GLU A 119 -11.80 16.85 41.33
C GLU A 119 -12.82 15.84 41.84
N MET A 120 -12.80 14.61 41.32
N MET A 120 -12.80 14.61 41.33
CA MET A 120 -13.71 13.59 41.80
CA MET A 120 -13.73 13.59 41.81
C MET A 120 -13.40 13.18 43.24
C MET A 120 -13.37 13.09 43.20
N LEU A 121 -12.14 13.35 43.67
CA LEU A 121 -11.73 12.99 45.01
C LEU A 121 -11.70 14.19 45.95
N GLY A 122 -12.35 15.30 45.56
CA GLY A 122 -12.48 16.46 46.41
C GLY A 122 -11.25 17.33 46.52
N GLY A 123 -10.19 17.03 45.78
CA GLY A 123 -8.96 17.79 45.87
C GLY A 123 -9.02 19.09 45.09
N GLU A 124 -7.86 19.75 45.01
CA GLU A 124 -7.72 21.02 44.32
C GLU A 124 -7.03 20.82 42.98
N LEU A 125 -7.54 21.51 41.96
CA LEU A 125 -6.96 21.39 40.62
C LEU A 125 -5.53 21.92 40.60
N GLY A 126 -4.65 21.18 39.94
CA GLY A 126 -3.25 21.55 39.82
C GLY A 126 -2.38 21.15 41.00
N SER A 127 -2.96 20.55 42.03
CA SER A 127 -2.20 20.23 43.24
C SER A 127 -1.36 18.97 43.10
N LYS A 128 -1.66 18.11 42.12
CA LYS A 128 -1.10 16.77 42.00
C LYS A 128 -1.42 15.90 43.21
N ILE A 129 -2.46 16.26 43.96
CA ILE A 129 -2.87 15.56 45.17
C ILE A 129 -4.37 15.32 45.09
N PRO A 130 -4.86 14.10 45.30
CA PRO A 130 -4.07 12.89 45.60
C PRO A 130 -3.65 12.09 44.37
N VAL A 131 -4.00 12.56 43.18
CA VAL A 131 -3.68 11.87 41.93
C VAL A 131 -2.58 12.65 41.23
N HIS A 132 -1.39 12.06 41.15
CA HIS A 132 -0.21 12.62 40.50
C HIS A 132 -0.20 12.23 39.02
N PRO A 133 0.10 13.19 38.13
CA PRO A 133 0.09 12.87 36.69
C PRO A 133 1.12 11.82 36.31
N ASN A 134 2.35 11.95 36.80
CA ASN A 134 3.42 11.01 36.44
C ASN A 134 3.45 9.80 37.36
N ASP A 135 3.33 10.02 38.68
CA ASP A 135 3.49 8.92 39.63
C ASP A 135 2.29 7.98 39.66
N HIS A 136 1.11 8.44 39.26
CA HIS A 136 -0.10 7.63 39.31
C HIS A 136 -0.68 7.34 37.93
N VAL A 137 -1.00 8.38 37.15
CA VAL A 137 -1.57 8.16 35.83
C VAL A 137 -0.54 7.53 34.90
N ASN A 138 0.73 7.84 35.08
CA ASN A 138 1.82 7.27 34.29
C ASN A 138 2.71 6.37 35.14
N LYS A 139 2.10 5.64 36.07
CA LYS A 139 2.87 4.76 36.96
C LYS A 139 3.61 3.68 36.20
N SER A 140 3.14 3.31 35.01
CA SER A 140 3.80 2.29 34.20
C SER A 140 5.21 2.68 33.78
N ARG A 141 5.60 3.95 33.98
CA ARG A 141 6.89 4.49 33.54
C ARG A 141 7.04 4.46 32.02
N SER A 142 5.94 4.34 31.30
CA SER A 142 5.99 4.41 29.85
C SER A 142 6.27 5.83 29.39
N SER A 143 6.82 5.96 28.19
CA SER A 143 7.12 7.26 27.62
C SER A 143 6.97 7.24 26.10
N ASN A 144 8.01 6.80 25.41
CA ASN A 144 7.99 6.77 23.95
C ASN A 144 7.12 5.67 23.38
N ASP A 145 6.55 4.81 24.22
CA ASP A 145 5.64 3.76 23.79
C ASP A 145 4.17 4.12 23.94
N THR A 146 3.86 5.23 24.62
CA THR A 146 2.47 5.60 24.86
C THR A 146 1.78 6.03 23.58
N PHE A 147 2.36 7.01 22.88
CA PHE A 147 1.75 7.49 21.64
C PHE A 147 1.65 6.40 20.57
N PRO A 148 2.68 5.58 20.32
CA PRO A 148 2.50 4.47 19.37
C PRO A 148 1.34 3.55 19.74
N THR A 149 1.19 3.23 21.03
CA THR A 149 0.05 2.42 21.46
C THR A 149 -1.27 3.12 21.14
N ALA A 150 -1.35 4.41 21.46
CA ALA A 150 -2.59 5.16 21.20
C ALA A 150 -2.87 5.26 19.70
N MET A 151 -1.82 5.37 18.88
CA MET A 151 -2.00 5.39 17.43
C MET A 151 -2.70 4.12 16.96
N HIS A 152 -2.17 2.96 17.36
CA HIS A 152 -2.70 1.69 16.87
C HIS A 152 -4.10 1.42 17.41
N ILE A 153 -4.37 1.82 18.65
CA ILE A 153 -5.73 1.70 19.18
C ILE A 153 -6.68 2.57 18.38
N ALA A 154 -6.27 3.81 18.10
CA ALA A 154 -7.13 4.73 17.36
C ALA A 154 -7.35 4.27 15.93
N ALA A 155 -6.30 3.79 15.28
CA ALA A 155 -6.43 3.30 13.91
C ALA A 155 -7.34 2.08 13.83
N ALA A 156 -7.13 1.13 14.74
CA ALA A 156 -7.94 -0.09 14.73
C ALA A 156 -9.41 0.20 14.99
N ILE A 157 -9.69 1.12 15.91
CA ILE A 157 -11.08 1.45 16.23
C ILE A 157 -11.74 2.18 15.06
N GLU A 158 -11.01 3.11 14.43
CA GLU A 158 -11.58 3.85 13.31
C GLU A 158 -11.82 2.93 12.11
N VAL A 159 -10.95 1.95 11.90
CA VAL A 159 -11.17 0.97 10.83
C VAL A 159 -12.39 0.12 11.15
N HIS A 160 -12.54 -0.30 12.40
CA HIS A 160 -13.64 -1.20 12.77
C HIS A 160 -14.98 -0.47 12.83
N GLU A 161 -14.98 0.80 13.22
CA GLU A 161 -16.23 1.52 13.45
C GLU A 161 -16.65 2.41 12.29
N VAL A 162 -15.72 2.86 11.45
CA VAL A 162 -16.04 3.86 10.44
C VAL A 162 -15.72 3.35 9.04
N LEU A 163 -14.47 2.94 8.81
CA LEU A 163 -14.03 2.62 7.46
C LEU A 163 -14.75 1.37 6.93
N LEU A 164 -14.57 0.23 7.60
CA LEU A 164 -15.18 -1.00 7.11
C LEU A 164 -16.70 -0.97 7.10
N PRO A 165 -17.41 -0.46 8.11
CA PRO A 165 -18.88 -0.35 7.97
C PRO A 165 -19.30 0.51 6.79
N GLY A 166 -18.56 1.59 6.51
CA GLY A 166 -18.90 2.41 5.36
C GLY A 166 -18.74 1.66 4.04
N LEU A 167 -17.63 0.91 3.91
CA LEU A 167 -17.43 0.12 2.70
C LEU A 167 -18.43 -1.02 2.61
N GLN A 168 -18.85 -1.58 3.75
CA GLN A 168 -19.84 -2.64 3.73
C GLN A 168 -21.17 -2.15 3.18
N LYS A 169 -21.60 -0.97 3.60
CA LYS A 169 -22.83 -0.38 3.05
C LYS A 169 -22.70 -0.15 1.55
N LEU A 170 -21.53 0.34 1.11
CA LEU A 170 -21.33 0.57 -0.32
C LEU A 170 -21.34 -0.74 -1.10
N HIS A 171 -20.69 -1.78 -0.56
CA HIS A 171 -20.70 -3.08 -1.21
C HIS A 171 -22.12 -3.61 -1.38
N ASP A 172 -22.91 -3.55 -0.31
CA ASP A 172 -24.26 -4.12 -0.35
C ASP A 172 -25.16 -3.35 -1.31
N ALA A 173 -25.04 -2.02 -1.33
CA ALA A 173 -25.86 -1.23 -2.23
C ALA A 173 -25.48 -1.48 -3.69
N LEU A 174 -24.18 -1.59 -3.97
CA LEU A 174 -23.75 -1.89 -5.33
C LEU A 174 -24.21 -3.27 -5.76
N ASP A 175 -24.17 -4.24 -4.84
CA ASP A 175 -24.63 -5.58 -5.17
C ASP A 175 -26.13 -5.58 -5.47
N ALA A 176 -26.90 -4.79 -4.73
CA ALA A 176 -28.34 -4.70 -4.99
C ALA A 176 -28.61 -4.11 -6.37
N LYS A 177 -27.88 -3.06 -6.74
CA LYS A 177 -28.03 -2.47 -8.06
C LYS A 177 -27.61 -3.46 -9.15
N SER A 178 -26.54 -4.20 -8.91
CA SER A 178 -26.10 -5.22 -9.87
C SER A 178 -27.21 -6.22 -10.16
N LYS A 179 -27.87 -6.72 -9.11
CA LYS A 179 -28.99 -7.64 -9.31
C LYS A 179 -30.16 -6.95 -10.00
N GLU A 180 -30.45 -5.70 -9.60
CA GLU A 180 -31.58 -4.98 -10.18
C GLU A 180 -31.35 -4.70 -11.68
N PHE A 181 -30.09 -4.59 -12.10
CA PHE A 181 -29.75 -4.27 -13.48
C PHE A 181 -29.28 -5.49 -14.26
N ALA A 182 -29.59 -6.70 -13.79
CA ALA A 182 -28.99 -7.89 -14.36
C ALA A 182 -29.47 -8.19 -15.77
N GLN A 183 -30.61 -7.63 -16.19
N GLN A 183 -30.61 -7.64 -16.19
CA GLN A 183 -31.17 -7.90 -17.50
CA GLN A 183 -31.17 -7.90 -17.50
C GLN A 183 -31.05 -6.73 -18.47
C GLN A 183 -31.10 -6.71 -18.45
N ILE A 184 -30.50 -5.60 -18.03
CA ILE A 184 -30.38 -4.41 -18.86
C ILE A 184 -29.08 -4.51 -19.65
N ILE A 185 -29.19 -4.79 -20.94
CA ILE A 185 -28.03 -4.92 -21.81
C ILE A 185 -27.71 -3.57 -22.43
N LYS A 186 -26.43 -3.19 -22.39
CA LYS A 186 -25.96 -1.92 -22.94
C LYS A 186 -24.70 -2.16 -23.75
N ILE A 187 -24.28 -1.12 -24.46
CA ILE A 187 -23.05 -1.18 -25.25
C ILE A 187 -21.86 -0.95 -24.33
N GLY A 188 -20.88 -1.84 -24.40
CA GLY A 188 -19.66 -1.69 -23.63
C GLY A 188 -18.77 -0.59 -24.18
N ARG A 189 -17.79 -0.20 -23.37
CA ARG A 189 -16.85 0.85 -23.74
C ARG A 189 -15.44 0.44 -23.35
N THR A 190 -14.58 0.26 -24.36
CA THR A 190 -13.16 0.07 -24.18
C THR A 190 -12.43 1.16 -24.94
N HIS A 191 -11.43 1.77 -24.30
CA HIS A 191 -10.77 2.98 -24.80
C HIS A 191 -11.76 4.13 -24.99
N THR A 192 -12.91 4.06 -24.31
CA THR A 192 -14.08 4.92 -24.49
C THR A 192 -14.75 4.73 -25.84
N GLN A 193 -14.35 3.72 -26.62
CA GLN A 193 -15.01 3.41 -27.88
C GLN A 193 -16.10 2.36 -27.67
N ASP A 194 -17.11 2.41 -28.53
CA ASP A 194 -18.18 1.41 -28.49
C ASP A 194 -17.59 0.01 -28.58
N ALA A 195 -18.12 -0.91 -27.77
CA ALA A 195 -17.62 -2.27 -27.73
C ALA A 195 -18.80 -3.24 -27.65
N VAL A 196 -18.49 -4.52 -27.60
CA VAL A 196 -19.49 -5.59 -27.54
C VAL A 196 -20.32 -5.43 -26.28
N PRO A 197 -21.57 -5.89 -26.25
CA PRO A 197 -22.46 -5.54 -25.15
C PRO A 197 -22.15 -6.30 -23.87
N LEU A 198 -22.68 -5.74 -22.78
CA LEU A 198 -22.71 -6.38 -21.46
C LEU A 198 -23.83 -5.71 -20.69
N THR A 199 -24.23 -6.34 -19.58
CA THR A 199 -25.31 -5.81 -18.79
C THR A 199 -24.79 -4.79 -17.78
N LEU A 200 -25.65 -3.84 -17.43
CA LEU A 200 -25.36 -2.96 -16.30
C LEU A 200 -25.10 -3.75 -15.03
N GLY A 201 -25.77 -4.90 -14.87
CA GLY A 201 -25.51 -5.73 -13.71
C GLY A 201 -24.12 -6.33 -13.71
N GLN A 202 -23.63 -6.73 -14.89
CA GLN A 202 -22.25 -7.22 -14.99
C GLN A 202 -21.26 -6.11 -14.68
N GLU A 203 -21.46 -4.93 -15.27
CA GLU A 203 -20.59 -3.80 -15.01
C GLU A 203 -20.57 -3.45 -13.53
N PHE A 204 -21.74 -3.40 -12.90
CA PHE A 204 -21.80 -3.10 -11.48
C PHE A 204 -21.21 -4.22 -10.63
N SER A 205 -21.27 -5.46 -11.12
CA SER A 205 -20.64 -6.56 -10.39
C SER A 205 -19.13 -6.38 -10.32
N GLY A 206 -18.54 -5.68 -11.30
CA GLY A 206 -17.14 -5.34 -11.19
C GLY A 206 -16.85 -4.38 -10.06
N TYR A 207 -17.73 -3.38 -9.89
CA TYR A 207 -17.59 -2.47 -8.76
C TYR A 207 -17.76 -3.22 -7.44
N VAL A 208 -18.72 -4.16 -7.39
CA VAL A 208 -18.95 -4.94 -6.18
C VAL A 208 -17.69 -5.72 -5.81
N GLN A 209 -17.03 -6.31 -6.79
CA GLN A 209 -15.83 -7.08 -6.52
C GLN A 209 -14.71 -6.18 -6.00
N GLN A 210 -14.60 -4.96 -6.54
CA GLN A 210 -13.56 -4.04 -6.10
C GLN A 210 -13.76 -3.66 -4.64
N VAL A 211 -15.00 -3.38 -4.23
CA VAL A 211 -15.26 -3.03 -2.84
C VAL A 211 -15.04 -4.24 -1.94
N LYS A 212 -15.44 -5.42 -2.39
CA LYS A 212 -15.17 -6.64 -1.64
C LYS A 212 -13.67 -6.84 -1.43
N TYR A 213 -12.89 -6.67 -2.51
CA TYR A 213 -11.44 -6.80 -2.40
C TYR A 213 -10.83 -5.69 -1.54
N ALA A 214 -11.43 -4.50 -1.56
CA ALA A 214 -10.92 -3.40 -0.73
C ALA A 214 -11.04 -3.72 0.74
N MET A 215 -12.18 -4.30 1.15
N MET A 215 -12.18 -4.29 1.15
CA MET A 215 -12.36 -4.67 2.55
CA MET A 215 -12.36 -4.67 2.55
C MET A 215 -11.39 -5.77 2.95
C MET A 215 -11.39 -5.78 2.94
N THR A 216 -11.14 -6.72 2.04
CA THR A 216 -10.18 -7.78 2.32
C THR A 216 -8.77 -7.22 2.48
N ARG A 217 -8.41 -6.23 1.67
CA ARG A 217 -7.09 -5.63 1.75
C ARG A 217 -6.91 -4.86 3.05
N ILE A 218 -7.93 -4.12 3.47
CA ILE A 218 -7.84 -3.35 4.72
C ILE A 218 -7.75 -4.31 5.91
N LYS A 219 -8.56 -5.37 5.91
CA LYS A 219 -8.47 -6.36 6.98
C LYS A 219 -7.12 -7.03 7.01
N ALA A 220 -6.49 -7.21 5.85
CA ALA A 220 -5.16 -7.82 5.79
C ALA A 220 -4.09 -6.95 6.43
N ALA A 221 -4.33 -5.65 6.55
CA ALA A 221 -3.36 -4.73 7.13
C ALA A 221 -3.49 -4.60 8.64
N MET A 222 -4.53 -5.18 9.24
CA MET A 222 -4.85 -5.01 10.66
C MET A 222 -4.01 -5.85 11.63
N PRO A 223 -3.59 -7.07 11.28
CA PRO A 223 -2.79 -7.86 12.25
C PRO A 223 -1.61 -7.13 12.86
N ARG A 224 -0.87 -6.35 12.07
CA ARG A 224 0.24 -5.60 12.61
C ARG A 224 -0.19 -4.33 13.34
N ILE A 225 -1.37 -3.80 13.01
CA ILE A 225 -1.92 -2.69 13.78
C ILE A 225 -2.27 -3.15 15.19
N TYR A 226 -2.77 -4.38 15.33
CA TYR A 226 -3.17 -4.92 16.62
C TYR A 226 -1.98 -5.16 17.55
N GLU A 227 -0.76 -5.06 17.06
CA GLU A 227 0.42 -5.21 17.90
C GLU A 227 0.73 -3.87 18.56
N LEU A 228 0.77 -3.86 19.89
CA LEU A 228 0.91 -2.63 20.66
C LEU A 228 2.33 -2.51 21.21
N ALA A 229 2.83 -1.27 21.23
CA ALA A 229 4.17 -0.99 21.71
C ALA A 229 4.24 -0.83 23.22
N ALA A 230 3.10 -0.76 23.91
CA ALA A 230 3.07 -0.53 25.34
C ALA A 230 3.94 -1.54 26.08
N GLY A 231 4.92 -1.02 26.83
CA GLY A 231 5.88 -1.85 27.53
C GLY A 231 7.30 -1.67 27.05
N GLY A 232 7.52 -1.02 25.91
CA GLY A 232 8.87 -0.78 25.43
C GLY A 232 9.60 0.36 26.11
N THR A 233 8.85 1.26 26.75
CA THR A 233 9.39 2.41 27.50
C THR A 233 10.26 3.24 26.54
N ALA A 234 11.50 3.58 26.91
CA ALA A 234 12.20 4.65 26.21
C ALA A 234 12.73 4.18 24.85
N VAL A 235 13.47 3.07 24.82
CA VAL A 235 14.19 2.65 23.62
C VAL A 235 13.71 1.30 23.10
N GLY A 236 12.77 0.65 23.79
CA GLY A 236 12.29 -0.66 23.40
C GLY A 236 12.71 -1.79 24.32
N THR A 237 13.67 -1.55 25.21
CA THR A 237 14.10 -2.59 26.13
C THR A 237 13.06 -2.89 27.20
N GLY A 238 12.17 -1.94 27.49
CA GLY A 238 11.27 -2.09 28.61
C GLY A 238 11.85 -1.70 29.94
N LEU A 239 12.98 -0.98 29.94
CA LEU A 239 13.58 -0.53 31.19
C LEU A 239 12.60 0.33 31.96
N ASN A 240 12.50 0.07 33.27
CA ASN A 240 11.70 0.77 34.28
C ASN A 240 10.26 0.27 34.34
N THR A 241 9.86 -0.70 33.52
CA THR A 241 8.52 -1.26 33.59
C THR A 241 8.59 -2.67 34.17
N ARG A 242 7.42 -3.18 34.57
CA ARG A 242 7.34 -4.47 35.25
C ARG A 242 7.18 -5.60 34.25
N ILE A 243 7.79 -6.75 34.58
CA ILE A 243 7.63 -7.95 33.76
C ILE A 243 6.17 -8.36 33.76
N GLY A 244 5.60 -8.55 32.57
CA GLY A 244 4.22 -8.93 32.40
C GLY A 244 3.28 -7.76 32.15
N PHE A 245 3.73 -6.53 32.39
CA PHE A 245 2.87 -5.38 32.15
C PHE A 245 2.51 -5.26 30.67
N ALA A 246 3.47 -5.55 29.79
CA ALA A 246 3.22 -5.42 28.35
C ALA A 246 2.08 -6.32 27.91
N GLU A 247 2.13 -7.60 28.29
CA GLU A 247 1.07 -8.53 27.91
C GLU A 247 -0.26 -8.19 28.59
N LYS A 248 -0.21 -7.81 29.87
CA LYS A 248 -1.44 -7.55 30.61
C LYS A 248 -2.16 -6.32 30.08
N VAL A 249 -1.44 -5.23 29.82
CA VAL A 249 -2.09 -4.01 29.38
C VAL A 249 -2.67 -4.19 27.97
N ALA A 250 -2.02 -5.00 27.14
CA ALA A 250 -2.58 -5.29 25.83
C ALA A 250 -3.84 -6.13 25.95
N ALA A 251 -3.83 -7.11 26.85
CA ALA A 251 -5.02 -7.93 27.06
C ALA A 251 -6.16 -7.11 27.65
N LYS A 252 -5.83 -6.12 28.50
CA LYS A 252 -6.87 -5.26 29.05
C LYS A 252 -7.46 -4.36 27.98
N VAL A 253 -6.63 -3.84 27.08
CA VAL A 253 -7.14 -3.05 25.96
C VAL A 253 -8.01 -3.90 25.05
N ALA A 254 -7.61 -5.16 24.82
CA ALA A 254 -8.40 -6.07 24.00
C ALA A 254 -9.78 -6.30 24.62
N ALA A 255 -9.82 -6.53 25.94
CA ALA A 255 -11.10 -6.76 26.60
C ALA A 255 -11.96 -5.51 26.62
N LEU A 256 -11.33 -4.34 26.72
CA LEU A 256 -12.08 -3.08 26.76
C LEU A 256 -12.66 -2.73 25.39
N THR A 257 -11.94 -3.05 24.31
CA THR A 257 -12.36 -2.66 22.97
C THR A 257 -13.05 -3.79 22.20
N GLY A 258 -12.84 -5.05 22.59
CA GLY A 258 -13.36 -6.14 21.79
C GLY A 258 -12.61 -6.38 20.50
N LEU A 259 -11.35 -5.92 20.43
CA LEU A 259 -10.49 -6.08 19.27
C LEU A 259 -9.23 -6.84 19.68
N PRO A 260 -8.69 -7.68 18.79
CA PRO A 260 -7.63 -8.64 19.19
C PRO A 260 -6.25 -7.99 19.31
N PHE A 261 -6.16 -7.03 20.24
CA PHE A 261 -4.88 -6.39 20.53
C PHE A 261 -3.96 -7.37 21.26
N VAL A 262 -2.68 -7.37 20.85
CA VAL A 262 -1.63 -8.13 21.52
C VAL A 262 -0.41 -7.23 21.62
N THR A 263 0.54 -7.63 22.47
CA THR A 263 1.78 -6.88 22.58
C THR A 263 2.67 -7.15 21.37
N ALA A 264 3.43 -6.13 20.98
CA ALA A 264 4.31 -6.26 19.83
C ALA A 264 5.41 -7.27 20.14
N PRO A 265 5.65 -8.25 19.27
CA PRO A 265 6.71 -9.23 19.56
C PRO A 265 8.10 -8.61 19.62
N ASN A 266 8.34 -7.52 18.89
CA ASN A 266 9.63 -6.84 18.90
C ASN A 266 9.38 -5.36 19.15
N LYS A 267 9.73 -4.89 20.35
CA LYS A 267 9.43 -3.51 20.72
C LYS A 267 10.31 -2.50 20.02
N PHE A 268 11.49 -2.92 19.54
CA PHE A 268 12.37 -1.99 18.83
C PHE A 268 11.80 -1.66 17.45
N GLU A 269 11.28 -2.66 16.74
CA GLU A 269 10.55 -2.39 15.51
C GLU A 269 9.30 -1.55 15.77
N ALA A 270 8.71 -1.69 16.96
CA ALA A 270 7.47 -0.96 17.26
C ALA A 270 7.73 0.52 17.54
N LEU A 271 8.91 0.85 18.09
CA LEU A 271 9.23 2.23 18.39
C LEU A 271 10.00 2.91 17.25
N ALA A 272 10.92 2.18 16.61
CA ALA A 272 11.77 2.77 15.59
C ALA A 272 11.08 2.99 14.27
N ALA A 273 9.94 2.33 14.04
CA ALA A 273 9.25 2.44 12.77
C ALA A 273 7.76 2.29 12.99
N HIS A 274 6.99 2.76 12.02
CA HIS A 274 5.55 2.59 12.00
C HIS A 274 5.11 2.08 10.63
N ASP A 275 5.74 0.97 10.22
CA ASP A 275 5.45 0.37 8.93
C ASP A 275 4.03 -0.16 8.86
N ALA A 276 3.46 -0.55 10.00
CA ALA A 276 2.07 -0.99 10.02
C ALA A 276 1.14 0.14 9.61
N LEU A 277 1.45 1.37 10.01
CA LEU A 277 0.66 2.51 9.56
C LEU A 277 0.84 2.74 8.07
N VAL A 278 2.06 2.50 7.56
CA VAL A 278 2.28 2.64 6.13
C VAL A 278 1.52 1.58 5.35
N GLU A 279 1.53 0.35 5.87
N GLU A 279 1.50 0.34 5.85
CA GLU A 279 0.80 -0.76 5.25
CA GLU A 279 0.78 -0.71 5.13
C GLU A 279 -0.69 -0.48 5.20
C GLU A 279 -0.73 -0.48 5.18
N LEU A 280 -1.25 0.00 6.30
CA LEU A 280 -2.68 0.30 6.36
C LEU A 280 -3.02 1.48 5.45
N SER A 281 -2.17 2.51 5.43
CA SER A 281 -2.38 3.60 4.48
C SER A 281 -2.31 3.10 3.05
N GLY A 282 -1.47 2.10 2.79
CA GLY A 282 -1.39 1.53 1.45
C GLY A 282 -2.68 0.84 1.06
N ALA A 283 -3.29 0.09 1.98
CA ALA A 283 -4.57 -0.54 1.70
C ALA A 283 -5.65 0.49 1.44
N MET A 284 -5.66 1.59 2.21
CA MET A 284 -6.60 2.67 1.93
C MET A 284 -6.26 3.37 0.61
N ASN A 285 -4.99 3.40 0.23
CA ASN A 285 -4.61 3.96 -1.06
C ASN A 285 -5.15 3.11 -2.20
N THR A 286 -5.06 1.77 -2.06
CA THR A 286 -5.67 0.88 -3.04
C THR A 286 -7.18 1.08 -3.10
N THR A 287 -7.81 1.20 -1.93
CA THR A 287 -9.25 1.44 -1.88
C THR A 287 -9.62 2.73 -2.61
N ALA A 288 -8.77 3.75 -2.48
CA ALA A 288 -9.05 5.03 -3.15
C ALA A 288 -9.01 4.88 -4.66
N CYS A 289 -8.10 4.05 -5.18
CA CYS A 289 -8.08 3.77 -6.61
C CYS A 289 -9.36 3.08 -7.04
N SER A 290 -9.89 2.18 -6.20
CA SER A 290 -11.14 1.49 -6.51
C SER A 290 -12.31 2.47 -6.52
N LEU A 291 -12.42 3.29 -5.47
CA LEU A 291 -13.53 4.22 -5.37
C LEU A 291 -13.46 5.32 -6.44
N MET A 292 -12.25 5.72 -6.82
CA MET A 292 -12.10 6.70 -7.89
C MET A 292 -12.68 6.15 -9.19
N LYS A 293 -12.37 4.90 -9.53
CA LYS A 293 -12.91 4.28 -10.73
C LYS A 293 -14.43 4.15 -10.64
N ILE A 294 -14.93 3.63 -9.51
CA ILE A 294 -16.36 3.42 -9.35
C ILE A 294 -17.11 4.74 -9.43
N ALA A 295 -16.64 5.74 -8.69
CA ALA A 295 -17.35 7.02 -8.64
C ALA A 295 -17.23 7.78 -9.96
N ASN A 296 -16.07 7.71 -10.61
CA ASN A 296 -15.89 8.38 -11.89
C ASN A 296 -16.74 7.72 -12.98
N ASP A 297 -16.82 6.39 -12.97
CA ASP A 297 -17.67 5.69 -13.92
C ASP A 297 -19.12 6.11 -13.78
N ILE A 298 -19.63 6.11 -12.54
CA ILE A 298 -21.01 6.49 -12.29
C ILE A 298 -21.22 7.96 -12.65
N ARG A 299 -20.21 8.79 -12.42
CA ARG A 299 -20.28 10.20 -12.84
C ARG A 299 -20.54 10.30 -14.33
N PHE A 300 -19.78 9.57 -15.14
CA PHE A 300 -19.89 9.68 -16.59
C PHE A 300 -21.09 8.91 -17.13
N LEU A 301 -21.46 7.78 -16.51
CA LEU A 301 -22.65 7.07 -16.95
C LEU A 301 -23.92 7.90 -16.72
N GLY A 302 -23.91 8.77 -15.71
CA GLY A 302 -25.02 9.67 -15.48
C GLY A 302 -24.93 10.99 -16.20
N SER A 303 -23.89 11.21 -16.98
CA SER A 303 -23.73 12.48 -17.69
C SER A 303 -24.85 12.68 -18.70
N GLY A 304 -25.16 13.94 -18.96
CA GLY A 304 -26.19 14.28 -19.91
C GLY A 304 -26.97 15.53 -19.51
N PRO A 305 -28.29 15.51 -19.71
CA PRO A 305 -29.06 14.33 -20.13
C PRO A 305 -29.01 14.01 -21.63
N ARG A 306 -28.61 14.96 -22.48
CA ARG A 306 -28.76 14.80 -23.91
C ARG A 306 -27.46 14.83 -24.71
N SER A 307 -26.38 15.37 -24.15
CA SER A 307 -25.07 15.34 -24.81
C SER A 307 -24.04 14.57 -24.00
N GLY A 308 -24.47 13.79 -23.03
CA GLY A 308 -23.58 12.92 -22.29
C GLY A 308 -23.75 11.47 -22.70
N LEU A 309 -23.47 10.54 -21.78
CA LEU A 309 -23.72 9.13 -22.05
C LEU A 309 -25.16 8.77 -21.72
N GLY A 310 -25.67 9.21 -20.57
CA GLY A 310 -27.09 9.14 -20.28
C GLY A 310 -27.62 7.77 -19.94
N GLU A 311 -26.75 6.84 -19.50
CA GLU A 311 -27.24 5.51 -19.18
C GLU A 311 -27.92 5.47 -17.82
N LEU A 312 -27.46 6.30 -16.87
CA LEU A 312 -27.98 6.29 -15.52
C LEU A 312 -28.64 7.63 -15.20
N ILE A 313 -29.66 7.57 -14.35
CA ILE A 313 -30.31 8.75 -13.79
C ILE A 313 -29.97 8.79 -12.31
N LEU A 314 -29.10 9.71 -11.92
CA LEU A 314 -28.68 9.77 -10.53
C LEU A 314 -29.67 10.58 -9.71
N PRO A 315 -29.80 10.28 -8.42
CA PRO A 315 -30.75 11.03 -7.58
C PRO A 315 -30.38 12.50 -7.47
N GLU A 316 -31.40 13.35 -7.43
CA GLU A 316 -31.23 14.78 -7.23
C GLU A 316 -31.58 15.08 -5.77
N ASN A 317 -30.57 15.46 -4.99
CA ASN A 317 -30.73 15.68 -3.56
C ASN A 317 -30.77 17.16 -3.19
N GLU A 318 -30.07 18.02 -3.93
CA GLU A 318 -30.17 19.45 -3.73
C GLU A 318 -30.93 20.09 -4.89
N PRO A 319 -31.81 21.05 -4.60
CA PRO A 319 -32.63 21.64 -5.67
C PRO A 319 -31.77 22.39 -6.68
N GLY A 320 -32.13 22.25 -7.96
CA GLY A 320 -31.51 22.96 -9.04
C GLY A 320 -32.42 24.03 -9.61
N SER A 321 -31.94 24.68 -10.66
CA SER A 321 -32.69 25.74 -11.30
C SER A 321 -33.90 25.16 -12.04
N SER A 322 -35.06 25.77 -11.85
CA SER A 322 -36.25 25.34 -12.58
C SER A 322 -36.11 25.58 -14.08
N ILE A 323 -35.24 26.52 -14.48
CA ILE A 323 -34.93 26.73 -15.89
C ILE A 323 -34.08 25.59 -16.45
N MET A 324 -33.56 24.72 -15.58
CA MET A 324 -32.64 23.66 -15.99
C MET A 324 -33.15 22.33 -15.42
N PRO A 325 -34.28 21.81 -15.92
CA PRO A 325 -34.89 20.63 -15.26
C PRO A 325 -34.14 19.33 -15.53
N GLY A 326 -33.34 19.25 -16.59
CA GLY A 326 -32.62 18.03 -16.89
C GLY A 326 -31.25 17.90 -16.29
N LYS A 327 -30.77 18.94 -15.62
CA LYS A 327 -29.42 18.95 -15.06
C LYS A 327 -29.44 18.42 -13.62
N VAL A 328 -28.66 17.37 -13.39
CA VAL A 328 -28.44 16.83 -12.04
C VAL A 328 -26.94 16.61 -11.91
N ASN A 329 -26.26 17.51 -11.21
CA ASN A 329 -24.83 17.36 -11.01
C ASN A 329 -24.55 16.19 -10.07
N PRO A 330 -23.60 15.31 -10.41
CA PRO A 330 -23.27 14.17 -9.53
C PRO A 330 -22.37 14.59 -8.36
N THR A 331 -22.95 15.37 -7.45
CA THR A 331 -22.15 15.98 -6.38
C THR A 331 -21.60 14.95 -5.42
N GLN A 332 -22.33 13.85 -5.19
CA GLN A 332 -21.80 12.78 -4.35
C GLN A 332 -20.61 12.10 -5.00
N CYS A 333 -20.63 12.01 -6.34
CA CYS A 333 -19.49 11.47 -7.07
C CYS A 333 -18.28 12.38 -6.92
N GLU A 334 -18.52 13.69 -6.89
CA GLU A 334 -17.43 14.65 -6.79
C GLU A 334 -16.81 14.63 -5.39
N ALA A 335 -17.63 14.52 -4.36
CA ALA A 335 -17.10 14.42 -2.99
C ALA A 335 -16.31 13.12 -2.81
N MET A 336 -16.75 12.05 -3.47
CA MET A 336 -16.04 10.77 -3.33
C MET A 336 -14.69 10.81 -4.05
N THR A 337 -14.67 11.32 -5.28
CA THR A 337 -13.41 11.38 -6.03
C THR A 337 -12.45 12.38 -5.43
N MET A 338 -12.95 13.48 -4.86
CA MET A 338 -12.07 14.39 -4.12
C MET A 338 -11.48 13.70 -2.90
N VAL A 339 -12.28 12.89 -2.21
CA VAL A 339 -11.77 12.14 -1.06
C VAL A 339 -10.71 11.15 -1.50
N ALA A 340 -10.93 10.50 -2.65
CA ALA A 340 -9.96 9.53 -3.15
C ALA A 340 -8.61 10.20 -3.45
N ALA A 341 -8.64 11.39 -4.06
CA ALA A 341 -7.39 12.11 -4.31
C ALA A 341 -6.70 12.48 -3.00
N GLN A 342 -7.48 12.86 -1.99
CA GLN A 342 -6.89 13.22 -0.70
C GLN A 342 -6.19 12.04 -0.05
N VAL A 343 -6.77 10.84 -0.18
CA VAL A 343 -6.16 9.65 0.40
C VAL A 343 -4.82 9.35 -0.25
N MET A 344 -4.73 9.55 -1.56
CA MET A 344 -3.47 9.31 -2.27
C MET A 344 -2.37 10.25 -1.79
N GLY A 345 -2.72 11.53 -1.58
CA GLY A 345 -1.74 12.45 -1.03
C GLY A 345 -1.40 12.14 0.42
N ASN A 346 -2.41 11.81 1.23
CA ASN A 346 -2.17 11.43 2.61
C ASN A 346 -1.21 10.24 2.68
N HIS A 347 -1.31 9.31 1.73
CA HIS A 347 -0.45 8.14 1.74
C HIS A 347 1.01 8.51 1.52
N VAL A 348 1.27 9.47 0.63
CA VAL A 348 2.65 9.91 0.41
C VAL A 348 3.21 10.55 1.66
N ALA A 349 2.39 11.33 2.38
CA ALA A 349 2.84 11.94 3.62
C ALA A 349 3.15 10.88 4.67
N VAL A 350 2.31 9.85 4.77
CA VAL A 350 2.60 8.74 5.68
C VAL A 350 3.89 8.05 5.26
N THR A 351 4.10 7.88 3.96
CA THR A 351 5.27 7.17 3.46
C THR A 351 6.57 7.91 3.83
N VAL A 352 6.59 9.23 3.61
CA VAL A 352 7.78 10.01 3.92
C VAL A 352 8.07 9.96 5.41
N GLY A 353 7.03 10.09 6.24
CA GLY A 353 7.23 9.96 7.67
C GLY A 353 7.70 8.58 8.08
N GLY A 354 7.11 7.55 7.49
CA GLY A 354 7.49 6.19 7.85
C GLY A 354 8.91 5.85 7.45
N SER A 355 9.43 6.50 6.40
CA SER A 355 10.77 6.22 5.93
C SER A 355 11.86 6.92 6.73
N ASN A 356 11.50 7.88 7.58
CA ASN A 356 12.46 8.79 8.17
C ASN A 356 12.69 8.53 9.66
N GLY A 357 12.51 7.28 10.10
CA GLY A 357 12.86 6.94 11.46
C GLY A 357 14.37 7.02 11.69
N HIS A 358 14.74 7.33 12.93
CA HIS A 358 16.15 7.49 13.31
C HIS A 358 16.43 6.61 14.51
N PHE A 359 17.24 5.56 14.30
CA PHE A 359 17.72 4.70 15.37
C PHE A 359 16.57 4.11 16.18
N GLU A 360 16.50 4.44 17.47
CA GLU A 360 15.55 3.77 18.35
C GLU A 360 14.14 4.33 18.29
N LEU A 361 13.92 5.48 17.63
CA LEU A 361 12.61 6.10 17.66
C LEU A 361 12.33 6.82 16.35
N ASN A 362 11.19 6.51 15.75
CA ASN A 362 10.64 7.30 14.65
C ASN A 362 9.90 8.48 15.25
N VAL A 363 10.35 9.69 14.96
CA VAL A 363 9.75 10.88 15.54
C VAL A 363 8.96 11.64 14.48
N PHE A 364 8.15 10.89 13.71
CA PHE A 364 7.15 11.47 12.83
C PHE A 364 5.75 10.99 13.19
N LYS A 365 5.56 10.54 14.44
CA LYS A 365 4.35 9.82 14.81
C LYS A 365 3.07 10.66 14.66
N PRO A 366 2.99 11.89 15.21
CA PRO A 366 1.70 12.61 15.13
C PRO A 366 1.22 12.87 13.71
N MET A 367 2.13 13.20 12.80
N MET A 367 2.14 13.22 12.80
CA MET A 367 1.71 13.45 11.42
CA MET A 367 1.76 13.45 11.42
C MET A 367 1.30 12.18 10.70
C MET A 367 1.26 12.18 10.76
N MET A 368 1.88 11.04 11.08
CA MET A 368 1.52 9.78 10.44
C MET A 368 0.11 9.35 10.83
N ILE A 369 -0.20 9.38 12.12
CA ILE A 369 -1.53 8.95 12.55
C ILE A 369 -2.60 9.97 12.12
N LYS A 370 -2.22 11.25 12.01
CA LYS A 370 -3.18 12.25 11.54
C LYS A 370 -3.65 11.93 10.13
N ASN A 371 -2.72 11.54 9.25
CA ASN A 371 -3.09 11.25 7.87
C ASN A 371 -3.82 9.91 7.76
N VAL A 372 -3.42 8.93 8.58
CA VAL A 372 -4.11 7.63 8.56
C VAL A 372 -5.55 7.79 8.99
N LEU A 373 -5.78 8.48 10.10
CA LEU A 373 -7.14 8.68 10.60
C LEU A 373 -7.95 9.55 9.64
N HIS A 374 -7.31 10.56 9.04
CA HIS A 374 -7.99 11.40 8.06
C HIS A 374 -8.51 10.56 6.89
N SER A 375 -7.64 9.69 6.35
CA SER A 375 -8.04 8.86 5.21
C SER A 375 -9.16 7.90 5.59
N ALA A 376 -9.07 7.29 6.78
CA ALA A 376 -10.07 6.32 7.19
C ALA A 376 -11.43 6.98 7.40
N ARG A 377 -11.44 8.13 8.09
CA ARG A 377 -12.70 8.83 8.34
C ARG A 377 -13.34 9.29 7.03
N LEU A 378 -12.53 9.88 6.14
CA LEU A 378 -13.05 10.37 4.87
C LEU A 378 -13.60 9.22 4.03
N LEU A 379 -12.83 8.13 3.91
CA LEU A 379 -13.28 6.99 3.11
C LEU A 379 -14.55 6.38 3.69
N GLY A 380 -14.62 6.25 5.02
CA GLY A 380 -15.82 5.68 5.63
C GLY A 380 -17.02 6.59 5.48
N ASP A 381 -16.85 7.88 5.79
CA ASP A 381 -17.96 8.82 5.70
C ASP A 381 -18.44 8.98 4.25
N ALA A 382 -17.50 9.09 3.31
CA ALA A 382 -17.89 9.28 1.91
C ALA A 382 -18.60 8.05 1.37
N SER A 383 -18.15 6.85 1.74
CA SER A 383 -18.82 5.63 1.30
C SER A 383 -20.26 5.58 1.77
N VAL A 384 -20.51 5.99 3.02
CA VAL A 384 -21.88 6.04 3.53
C VAL A 384 -22.67 7.09 2.77
N SER A 385 -22.10 8.28 2.59
CA SER A 385 -22.80 9.36 1.89
C SER A 385 -23.03 9.00 0.43
N PHE A 386 -22.01 8.46 -0.24
CA PHE A 386 -22.16 8.05 -1.63
C PHE A 386 -23.22 6.96 -1.76
N THR A 387 -23.33 6.09 -0.75
CA THR A 387 -24.30 5.01 -0.80
C THR A 387 -25.73 5.54 -0.63
N GLU A 388 -25.96 6.30 0.44
CA GLU A 388 -27.32 6.70 0.78
C GLU A 388 -27.87 7.74 -0.19
N ASN A 389 -27.01 8.65 -0.68
CA ASN A 389 -27.47 9.78 -1.46
C ASN A 389 -27.22 9.63 -2.96
N CYS A 390 -26.74 8.47 -3.42
CA CYS A 390 -26.55 8.27 -4.84
C CYS A 390 -26.86 6.83 -5.25
N VAL A 391 -26.09 5.88 -4.72
CA VAL A 391 -26.08 4.52 -5.24
C VAL A 391 -27.48 3.89 -5.13
N VAL A 392 -28.09 3.98 -3.96
CA VAL A 392 -29.35 3.27 -3.73
C VAL A 392 -30.45 3.81 -4.63
N GLY A 393 -30.36 5.08 -5.02
CA GLY A 393 -31.37 5.71 -5.85
C GLY A 393 -31.08 5.75 -7.34
N ILE A 394 -30.00 5.09 -7.79
CA ILE A 394 -29.67 5.11 -9.21
C ILE A 394 -30.74 4.38 -10.00
N GLN A 395 -31.18 5.00 -11.09
CA GLN A 395 -32.09 4.38 -12.04
C GLN A 395 -31.43 4.30 -13.40
N ALA A 396 -31.77 3.24 -14.14
CA ALA A 396 -31.27 3.09 -15.50
C ALA A 396 -32.22 3.77 -16.47
N ASN A 397 -31.64 4.44 -17.47
CA ASN A 397 -32.42 5.04 -18.55
C ASN A 397 -32.56 3.98 -19.64
N THR A 398 -33.47 3.03 -19.39
CA THR A 398 -33.61 1.88 -20.29
C THR A 398 -34.10 2.29 -21.67
N GLU A 399 -34.90 3.35 -21.76
CA GLU A 399 -35.35 3.83 -23.07
C GLU A 399 -34.17 4.27 -23.92
N ARG A 400 -33.26 5.06 -23.34
CA ARG A 400 -32.09 5.51 -24.09
C ARG A 400 -31.12 4.36 -24.34
N ILE A 401 -30.96 3.46 -23.36
CA ILE A 401 -30.05 2.33 -23.51
C ILE A 401 -30.52 1.43 -24.66
N ASN A 402 -31.82 1.17 -24.75
CA ASN A 402 -32.34 0.31 -25.80
C ASN A 402 -32.22 0.95 -27.18
N LYS A 403 -32.46 2.26 -27.27
CA LYS A 403 -32.33 2.95 -28.55
C LYS A 403 -30.89 2.90 -29.06
N LEU A 404 -29.93 3.16 -28.17
CA LEU A 404 -28.53 3.14 -28.60
C LEU A 404 -28.06 1.71 -28.89
N MET A 405 -28.66 0.72 -28.24
CA MET A 405 -28.37 -0.67 -28.59
C MET A 405 -28.75 -0.97 -30.03
N ASN A 406 -29.94 -0.52 -30.45
CA ASN A 406 -30.42 -0.79 -31.80
C ASN A 406 -29.66 0.01 -32.85
N GLU A 407 -29.14 1.18 -32.48
CA GLU A 407 -28.41 2.02 -33.41
C GLU A 407 -26.92 1.71 -33.45
N SER A 408 -26.43 0.85 -32.57
CA SER A 408 -25.00 0.56 -32.50
C SER A 408 -24.57 -0.31 -33.67
N LEU A 409 -23.33 -0.09 -34.11
CA LEU A 409 -22.71 -0.95 -35.12
C LEU A 409 -22.08 -2.20 -34.50
N MET A 410 -22.06 -2.30 -33.17
CA MET A 410 -21.29 -3.34 -32.49
C MET A 410 -21.98 -4.70 -32.50
N LEU A 411 -23.23 -4.80 -32.93
CA LEU A 411 -23.95 -6.06 -32.97
C LEU A 411 -23.80 -6.79 -34.29
N VAL A 412 -23.01 -6.27 -35.23
CA VAL A 412 -23.02 -6.78 -36.59
C VAL A 412 -22.41 -8.18 -36.68
N THR A 413 -21.52 -8.54 -35.74
CA THR A 413 -20.88 -9.84 -35.81
C THR A 413 -21.85 -10.99 -35.60
N ALA A 414 -23.05 -10.72 -35.07
CA ALA A 414 -24.06 -11.76 -34.93
C ALA A 414 -24.55 -12.28 -36.28
N LEU A 415 -24.29 -11.53 -37.36
CA LEU A 415 -24.65 -11.95 -38.70
C LEU A 415 -23.59 -12.82 -39.37
N ASN A 416 -22.39 -12.89 -38.81
CA ASN A 416 -21.29 -13.63 -39.43
C ASN A 416 -21.64 -15.06 -39.81
N PRO A 417 -22.22 -15.89 -38.92
CA PRO A 417 -22.52 -17.27 -39.33
C PRO A 417 -23.68 -17.37 -40.32
N HIS A 418 -24.51 -16.35 -40.44
CA HIS A 418 -25.70 -16.44 -41.27
C HIS A 418 -25.54 -15.87 -42.67
N ILE A 419 -24.65 -14.89 -42.86
CA ILE A 419 -24.50 -14.27 -44.17
C ILE A 419 -23.02 -14.14 -44.54
N GLY A 420 -22.14 -14.40 -43.60
CA GLY A 420 -20.72 -14.33 -43.90
C GLY A 420 -20.09 -13.02 -43.44
N TYR A 421 -18.78 -13.08 -43.18
CA TYR A 421 -18.07 -11.91 -42.68
C TYR A 421 -18.08 -10.77 -43.69
N ASP A 422 -17.95 -11.09 -44.98
CA ASP A 422 -17.81 -10.05 -45.99
C ASP A 422 -19.09 -9.23 -46.12
N LYS A 423 -20.25 -9.90 -46.16
CA LYS A 423 -21.51 -9.16 -46.23
C LYS A 423 -21.80 -8.42 -44.93
N ALA A 424 -21.43 -9.01 -43.79
CA ALA A 424 -21.63 -8.35 -42.51
C ALA A 424 -20.81 -7.08 -42.41
N ALA A 425 -19.55 -7.13 -42.83
CA ALA A 425 -18.71 -5.93 -42.80
C ALA A 425 -19.23 -4.88 -43.78
N LYS A 426 -19.81 -5.31 -44.90
CA LYS A 426 -20.41 -4.35 -45.84
C LYS A 426 -21.61 -3.65 -45.21
N ILE A 427 -22.41 -4.39 -44.43
CA ILE A 427 -23.52 -3.77 -43.71
C ILE A 427 -23.00 -2.75 -42.70
N ALA A 428 -21.92 -3.09 -42.00
CA ALA A 428 -21.38 -2.18 -40.99
C ALA A 428 -20.84 -0.91 -41.64
N LYS A 429 -20.09 -1.05 -42.74
CA LYS A 429 -19.49 0.11 -43.38
C LYS A 429 -20.54 1.00 -44.04
N THR A 430 -21.57 0.40 -44.62
CA THR A 430 -22.62 1.20 -45.26
C THR A 430 -23.47 1.90 -44.21
N ALA A 431 -23.78 1.22 -43.11
CA ALA A 431 -24.54 1.86 -42.02
C ALA A 431 -23.74 3.01 -41.43
N HIS A 432 -22.42 2.83 -41.28
CA HIS A 432 -21.58 3.90 -40.76
C HIS A 432 -21.49 5.07 -41.74
N LYS A 433 -21.46 4.77 -43.04
CA LYS A 433 -21.36 5.84 -44.03
C LYS A 433 -22.67 6.59 -44.17
N ASN A 434 -23.80 5.89 -44.04
CA ASN A 434 -25.11 6.51 -44.26
C ASN A 434 -25.70 7.11 -43.00
N GLY A 435 -25.16 6.79 -41.82
CA GLY A 435 -25.80 7.20 -40.59
C GLY A 435 -27.05 6.42 -40.26
N SER A 436 -27.15 5.19 -40.77
CA SER A 436 -28.31 4.35 -40.58
C SER A 436 -27.97 3.18 -39.67
N THR A 437 -28.99 2.41 -39.31
CA THR A 437 -28.81 1.27 -38.42
C THR A 437 -28.43 0.03 -39.21
N LEU A 438 -27.98 -0.99 -38.48
CA LEU A 438 -27.61 -2.25 -39.11
C LEU A 438 -28.80 -2.92 -39.77
N LYS A 439 -29.97 -2.88 -39.10
CA LYS A 439 -31.16 -3.52 -39.65
C LYS A 439 -31.61 -2.83 -40.92
N GLU A 440 -31.69 -1.50 -40.91
CA GLU A 440 -32.11 -0.75 -42.09
C GLU A 440 -31.18 -1.03 -43.26
N THR A 441 -29.86 -0.99 -43.01
CA THR A 441 -28.90 -1.21 -44.08
C THR A 441 -28.95 -2.65 -44.59
N ALA A 442 -29.11 -3.62 -43.69
CA ALA A 442 -29.06 -5.02 -44.09
C ALA A 442 -30.20 -5.40 -45.01
N ILE A 443 -31.33 -4.71 -44.92
CA ILE A 443 -32.50 -5.02 -45.74
C ILE A 443 -32.52 -4.19 -47.01
N GLU A 444 -32.09 -2.92 -46.92
CA GLU A 444 -31.93 -2.11 -48.13
C GLU A 444 -30.84 -2.67 -49.04
N LEU A 445 -29.98 -3.53 -48.51
CA LEU A 445 -28.98 -4.23 -49.31
C LEU A 445 -29.46 -5.57 -49.84
N GLY A 446 -30.66 -5.99 -49.49
CA GLY A 446 -31.15 -7.28 -49.93
C GLY A 446 -30.38 -8.45 -49.39
N TYR A 447 -29.75 -8.29 -48.22
CA TYR A 447 -28.96 -9.36 -47.62
C TYR A 447 -29.78 -10.25 -46.68
N LEU A 448 -30.91 -9.78 -46.15
CA LEU A 448 -31.72 -10.58 -45.24
C LEU A 448 -33.07 -9.89 -45.08
N THR A 449 -34.00 -10.57 -44.41
CA THR A 449 -35.28 -9.97 -44.08
C THR A 449 -35.22 -9.29 -42.72
N ALA A 450 -36.27 -8.54 -42.43
CA ALA A 450 -36.45 -8.02 -41.09
C ALA A 450 -36.67 -9.15 -40.09
N GLU A 451 -37.31 -10.24 -40.54
CA GLU A 451 -37.55 -11.39 -39.66
C GLU A 451 -36.26 -12.16 -39.38
N GLN A 452 -35.40 -12.29 -40.39
CA GLN A 452 -34.11 -12.92 -40.18
C GLN A 452 -33.23 -12.09 -39.25
N PHE A 453 -33.31 -10.76 -39.36
CA PHE A 453 -32.53 -9.90 -38.48
C PHE A 453 -32.98 -10.05 -37.03
N ASP A 454 -34.29 -10.04 -36.80
CA ASP A 454 -34.81 -10.16 -35.44
C ASP A 454 -34.43 -11.48 -34.80
N GLU A 455 -34.34 -12.55 -35.59
CA GLU A 455 -34.04 -13.87 -35.06
C GLU A 455 -32.55 -14.13 -34.90
N TRP A 456 -31.72 -13.50 -35.74
CA TRP A 456 -30.28 -13.77 -35.72
C TRP A 456 -29.51 -12.86 -34.77
N VAL A 457 -29.97 -11.63 -34.56
CA VAL A 457 -29.26 -10.66 -33.73
C VAL A 457 -29.99 -10.61 -32.40
N LYS A 458 -29.54 -11.42 -31.45
CA LYS A 458 -30.09 -11.48 -30.11
C LYS A 458 -29.02 -11.08 -29.10
N PRO A 459 -29.03 -9.83 -28.62
CA PRO A 459 -27.97 -9.40 -27.69
C PRO A 459 -27.90 -10.23 -26.41
N LYS A 460 -29.01 -10.84 -25.98
CA LYS A 460 -28.97 -11.70 -24.81
C LYS A 460 -28.13 -12.94 -25.03
N ASP A 461 -27.76 -13.25 -26.28
CA ASP A 461 -26.92 -14.37 -26.61
C ASP A 461 -25.45 -13.99 -26.76
N MET A 462 -25.10 -12.74 -26.47
CA MET A 462 -23.74 -12.23 -26.64
C MET A 462 -23.14 -11.78 -25.31
N LEU A 463 -23.49 -12.46 -24.23
CA LEU A 463 -23.09 -12.05 -22.88
C LEU A 463 -22.21 -13.09 -22.20
N GLY A 464 -21.67 -14.04 -22.95
CA GLY A 464 -20.81 -15.05 -22.37
C GLY A 464 -20.14 -15.93 -23.40
N PRO A 465 -19.28 -16.83 -22.94
CA PRO A 465 -18.62 -17.76 -23.86
C PRO A 465 -19.58 -18.83 -24.37
N LYS A 466 -19.20 -19.44 -25.48
CA LYS A 466 -20.04 -20.46 -26.13
C LYS A 466 -19.46 -21.86 -25.92
N SER B 5 18.30 -7.56 -47.68
CA SER B 5 18.36 -7.49 -46.22
C SER B 5 16.96 -7.45 -45.61
N PHE B 6 15.97 -7.11 -46.42
CA PHE B 6 14.61 -6.92 -45.94
C PHE B 6 13.64 -7.75 -46.77
N ARG B 7 12.51 -8.09 -46.14
CA ARG B 7 11.33 -8.49 -46.87
C ARG B 7 10.35 -7.31 -46.91
N ILE B 8 9.37 -7.41 -47.79
CA ILE B 8 8.41 -6.33 -48.01
C ILE B 8 7.04 -6.80 -47.55
N GLU B 9 6.45 -6.06 -46.62
CA GLU B 9 5.11 -6.30 -46.14
C GLU B 9 4.28 -5.04 -46.28
N TYR B 10 2.96 -5.20 -46.14
CA TYR B 10 2.03 -4.08 -46.30
C TYR B 10 1.01 -4.09 -45.17
N ASP B 11 0.65 -2.90 -44.71
CA ASP B 11 -0.57 -2.70 -43.93
C ASP B 11 -1.44 -1.70 -44.68
N THR B 12 -2.54 -1.29 -44.05
CA THR B 12 -3.46 -0.37 -44.70
C THR B 12 -2.92 1.04 -44.83
N PHE B 13 -1.69 1.31 -44.37
CA PHE B 13 -1.10 2.63 -44.49
C PHE B 13 0.06 2.69 -45.46
N GLY B 14 0.56 1.56 -45.94
CA GLY B 14 1.55 1.56 -46.99
C GLY B 14 2.53 0.41 -46.85
N GLU B 15 3.60 0.51 -47.63
CA GLU B 15 4.63 -0.52 -47.69
C GLU B 15 5.59 -0.40 -46.53
N LEU B 16 6.04 -1.54 -46.01
CA LEU B 16 6.97 -1.57 -44.89
C LEU B 16 8.03 -2.63 -45.14
N LYS B 17 9.29 -2.26 -44.95
CA LYS B 17 10.41 -3.17 -45.05
C LYS B 17 10.69 -3.78 -43.68
N VAL B 18 10.59 -5.10 -43.59
CA VAL B 18 10.86 -5.83 -42.36
C VAL B 18 12.19 -6.56 -42.52
N PRO B 19 13.15 -6.38 -41.62
CA PRO B 19 14.44 -7.06 -41.76
C PRO B 19 14.28 -8.57 -41.78
N ASN B 20 15.05 -9.23 -42.64
CA ASN B 20 14.94 -10.67 -42.80
C ASN B 20 15.27 -11.42 -41.51
N ASP B 21 16.18 -10.86 -40.70
CA ASP B 21 16.61 -11.51 -39.47
C ASP B 21 15.71 -11.21 -38.28
N LYS B 22 14.50 -10.71 -38.52
CA LYS B 22 13.56 -10.39 -37.46
C LYS B 22 12.30 -11.24 -37.63
N TYR B 23 11.73 -11.68 -36.51
CA TYR B 23 10.52 -12.48 -36.53
C TYR B 23 9.25 -11.66 -36.38
N TYR B 24 9.36 -10.36 -36.11
CA TYR B 24 8.16 -9.54 -36.06
C TYR B 24 7.73 -9.14 -37.47
N GLY B 25 6.52 -8.59 -37.57
CA GLY B 25 5.95 -8.28 -38.87
C GLY B 25 5.60 -6.82 -39.07
N ALA B 26 4.66 -6.57 -39.99
CA ALA B 26 4.31 -5.20 -40.35
C ALA B 26 3.57 -4.48 -39.24
N GLN B 27 2.77 -5.20 -38.44
CA GLN B 27 2.09 -4.57 -37.31
C GLN B 27 3.08 -3.99 -36.32
N THR B 28 4.12 -4.77 -36.00
CA THR B 28 5.14 -4.30 -35.06
C THR B 28 5.93 -3.14 -35.65
N VAL B 29 6.25 -3.20 -36.94
CA VAL B 29 7.01 -2.12 -37.58
C VAL B 29 6.20 -0.83 -37.54
N ARG B 30 4.92 -0.90 -37.89
CA ARG B 30 4.07 0.29 -37.85
C ARG B 30 3.95 0.84 -36.43
N SER B 31 3.87 -0.04 -35.44
CA SER B 31 3.78 0.41 -34.05
C SER B 31 5.06 1.13 -33.62
N THR B 32 6.22 0.63 -34.05
N THR B 32 6.21 0.64 -34.08
CA THR B 32 7.47 1.33 -33.72
CA THR B 32 7.47 1.29 -33.76
C THR B 32 7.49 2.74 -34.29
C THR B 32 7.56 2.69 -34.34
N MET B 33 6.94 2.91 -35.50
CA MET B 33 6.99 4.23 -36.14
C MET B 33 6.01 5.21 -35.52
N ASN B 34 4.91 4.71 -34.93
CA ASN B 34 3.87 5.58 -34.41
C ASN B 34 4.06 5.95 -32.94
N PHE B 35 5.02 5.32 -32.25
CA PHE B 35 5.23 5.56 -30.82
C PHE B 35 6.73 5.68 -30.54
N LYS B 36 7.33 6.74 -31.09
CA LYS B 36 8.74 7.05 -30.84
C LYS B 36 8.83 7.86 -29.55
N ILE B 37 8.70 7.17 -28.42
CA ILE B 37 8.63 7.80 -27.10
C ILE B 37 9.62 7.07 -26.19
N GLY B 38 10.77 7.69 -25.95
CA GLY B 38 11.62 7.34 -24.82
C GLY B 38 12.95 6.69 -25.15
N GLY B 39 13.05 5.97 -26.26
CA GLY B 39 14.27 5.25 -26.55
C GLY B 39 14.27 3.83 -25.99
N VAL B 40 15.45 3.21 -26.06
CA VAL B 40 15.55 1.78 -25.77
C VAL B 40 15.49 1.45 -24.29
N THR B 41 15.75 2.42 -23.40
CA THR B 41 15.51 2.16 -21.99
C THR B 41 14.03 2.03 -21.66
N GLU B 42 13.15 2.36 -22.62
CA GLU B 42 11.72 2.36 -22.42
C GLU B 42 11.04 1.16 -23.09
N ARG B 43 11.82 0.20 -23.58
CA ARG B 43 11.22 -0.98 -24.20
C ARG B 43 10.45 -1.79 -23.15
N MET B 44 9.46 -2.53 -23.63
CA MET B 44 8.63 -3.33 -22.75
C MET B 44 9.50 -4.25 -21.91
N PRO B 45 9.31 -4.30 -20.59
CA PRO B 45 10.20 -5.10 -19.74
C PRO B 45 10.22 -6.56 -20.14
N THR B 46 11.43 -7.14 -20.12
CA THR B 46 11.61 -8.53 -20.50
C THR B 46 10.69 -9.51 -19.75
N PRO B 47 10.44 -9.37 -18.44
CA PRO B 47 9.49 -10.30 -17.80
C PRO B 47 8.10 -10.32 -18.43
N VAL B 48 7.68 -9.21 -19.05
CA VAL B 48 6.38 -9.21 -19.73
C VAL B 48 6.44 -10.04 -21.00
N ILE B 49 7.55 -9.94 -21.75
CA ILE B 49 7.70 -10.71 -22.97
C ILE B 49 7.73 -12.20 -22.65
N LYS B 50 8.51 -12.59 -21.64
CA LYS B 50 8.57 -13.99 -21.25
C LYS B 50 7.22 -14.50 -20.79
N ALA B 51 6.47 -13.67 -20.04
CA ALA B 51 5.15 -14.07 -19.57
C ALA B 51 4.21 -14.31 -20.74
N PHE B 52 4.31 -13.50 -21.80
CA PHE B 52 3.54 -13.75 -23.00
C PHE B 52 3.89 -15.10 -23.60
N GLY B 53 5.17 -15.47 -23.57
CA GLY B 53 5.57 -16.78 -24.06
C GLY B 53 4.95 -17.91 -23.27
N ILE B 54 4.87 -17.76 -21.94
CA ILE B 54 4.20 -18.75 -21.12
C ILE B 54 2.72 -18.82 -21.46
N LEU B 55 2.08 -17.66 -21.61
CA LEU B 55 0.65 -17.62 -21.86
C LEU B 55 0.30 -18.24 -23.21
N LYS B 56 1.05 -17.90 -24.26
CA LYS B 56 0.76 -18.45 -25.57
C LYS B 56 1.05 -19.95 -25.62
N ARG B 57 2.11 -20.39 -24.93
CA ARG B 57 2.38 -21.81 -24.83
C ARG B 57 1.22 -22.54 -24.14
N ALA B 58 0.63 -21.91 -23.13
CA ALA B 58 -0.48 -22.55 -22.42
C ALA B 58 -1.75 -22.56 -23.26
N ALA B 59 -2.02 -21.45 -23.96
CA ALA B 59 -3.23 -21.39 -24.78
C ALA B 59 -3.15 -22.34 -25.96
N ALA B 60 -1.96 -22.47 -26.57
CA ALA B 60 -1.80 -23.39 -27.69
C ALA B 60 -2.10 -24.83 -27.27
N GLU B 61 -1.68 -25.22 -26.07
CA GLU B 61 -2.01 -26.54 -25.56
C GLU B 61 -3.51 -26.71 -25.40
N VAL B 62 -4.14 -25.78 -24.67
CA VAL B 62 -5.57 -25.88 -24.39
C VAL B 62 -6.39 -25.80 -25.68
N ASN B 63 -5.93 -25.02 -26.65
CA ASN B 63 -6.69 -24.85 -27.89
C ASN B 63 -6.75 -26.12 -28.73
N GLN B 64 -5.94 -27.14 -28.42
CA GLN B 64 -6.10 -28.43 -29.08
C GLN B 64 -7.44 -29.05 -28.75
N ASP B 65 -7.99 -28.76 -27.57
CA ASP B 65 -9.33 -29.19 -27.21
C ASP B 65 -10.41 -28.47 -28.01
N TYR B 66 -10.05 -27.42 -28.76
CA TYR B 66 -11.01 -26.61 -29.49
C TYR B 66 -10.72 -26.55 -30.98
N GLY B 67 -10.02 -27.55 -31.51
CA GLY B 67 -9.85 -27.70 -32.94
C GLY B 67 -8.46 -27.39 -33.47
N LEU B 68 -7.59 -26.79 -32.67
CA LEU B 68 -6.27 -26.43 -33.15
C LEU B 68 -5.50 -27.68 -33.56
N ASP B 69 -4.93 -27.63 -34.77
CA ASP B 69 -4.23 -28.79 -35.31
C ASP B 69 -2.99 -29.09 -34.46
N PRO B 70 -2.81 -30.33 -34.00
CA PRO B 70 -1.68 -30.62 -33.10
C PRO B 70 -0.31 -30.34 -33.70
N LYS B 71 -0.16 -30.47 -35.02
CA LYS B 71 1.13 -30.17 -35.64
C LYS B 71 1.43 -28.69 -35.58
N ILE B 72 0.41 -27.85 -35.79
CA ILE B 72 0.60 -26.40 -35.65
C ILE B 72 0.74 -26.02 -34.20
N ALA B 73 -0.07 -26.62 -33.31
CA ALA B 73 -0.01 -26.30 -31.90
C ALA B 73 1.37 -26.61 -31.32
N ASN B 74 1.95 -27.74 -31.70
CA ASN B 74 3.28 -28.09 -31.18
C ASN B 74 4.34 -27.11 -31.69
N ALA B 75 4.21 -26.65 -32.93
CA ALA B 75 5.13 -25.64 -33.44
C ALA B 75 4.98 -24.33 -32.67
N ILE B 76 3.75 -23.93 -32.37
CA ILE B 76 3.52 -22.74 -31.57
C ILE B 76 4.11 -22.92 -30.17
N MET B 77 3.95 -24.11 -29.60
CA MET B 77 4.42 -24.34 -28.22
C MET B 77 5.93 -24.22 -28.12
N LYS B 78 6.67 -24.73 -29.12
CA LYS B 78 8.12 -24.64 -29.10
C LYS B 78 8.58 -23.21 -29.34
N ALA B 79 7.91 -22.49 -30.23
CA ALA B 79 8.23 -21.10 -30.47
C ALA B 79 7.94 -20.25 -29.23
N ALA B 80 6.80 -20.51 -28.58
CA ALA B 80 6.47 -19.77 -27.36
C ALA B 80 7.47 -20.07 -26.25
N ASP B 81 7.97 -21.31 -26.20
CA ASP B 81 8.99 -21.65 -25.22
C ASP B 81 10.25 -20.82 -25.41
N GLU B 82 10.66 -20.60 -26.67
CA GLU B 82 11.84 -19.79 -26.93
C GLU B 82 11.62 -18.34 -26.48
N VAL B 83 10.39 -17.84 -26.61
CA VAL B 83 10.08 -16.52 -26.10
C VAL B 83 10.16 -16.51 -24.58
N ALA B 84 9.50 -17.48 -23.94
CA ALA B 84 9.47 -17.54 -22.48
C ALA B 84 10.85 -17.75 -21.88
N GLU B 85 11.79 -18.31 -22.64
CA GLU B 85 13.13 -18.58 -22.14
C GLU B 85 14.12 -17.46 -22.47
N GLY B 86 13.65 -16.37 -23.07
CA GLY B 86 14.52 -15.25 -23.35
C GLY B 86 15.42 -15.40 -24.56
N LYS B 87 15.09 -16.30 -25.48
CA LYS B 87 15.90 -16.51 -26.67
C LYS B 87 15.56 -15.55 -27.81
N LEU B 88 14.44 -14.83 -27.73
CA LEU B 88 13.98 -13.99 -28.82
C LEU B 88 13.75 -12.55 -28.36
N ASN B 89 14.51 -12.09 -27.37
CA ASN B 89 14.29 -10.76 -26.83
C ASN B 89 14.51 -9.66 -27.87
N ASP B 90 15.40 -9.89 -28.83
CA ASP B 90 15.73 -8.87 -29.82
C ASP B 90 14.64 -8.67 -30.86
N HIS B 91 13.54 -9.41 -30.78
CA HIS B 91 12.45 -9.27 -31.74
C HIS B 91 11.26 -8.54 -31.15
N PHE B 92 11.47 -7.76 -30.09
CA PHE B 92 10.41 -7.02 -29.42
C PHE B 92 10.91 -5.59 -29.21
N PRO B 93 10.69 -4.72 -30.19
CA PRO B 93 11.22 -3.34 -30.12
C PRO B 93 10.26 -2.29 -29.59
N LEU B 94 9.06 -2.67 -29.14
CA LEU B 94 8.05 -1.69 -28.75
C LEU B 94 8.35 -1.12 -27.37
N VAL B 95 7.97 0.14 -27.18
CA VAL B 95 8.17 0.81 -25.91
C VAL B 95 6.94 0.62 -25.02
N VAL B 96 7.11 0.93 -23.74
CA VAL B 96 5.98 0.90 -22.80
C VAL B 96 4.90 1.88 -23.25
N TRP B 97 5.31 3.01 -23.82
CA TRP B 97 4.40 4.12 -24.12
C TRP B 97 3.73 3.91 -25.48
N GLN B 98 2.92 2.85 -25.52
CA GLN B 98 2.11 2.43 -26.65
C GLN B 98 0.64 2.62 -26.27
N THR B 99 -0.23 1.77 -26.83
N THR B 99 -0.24 1.78 -26.83
CA THR B 99 -1.64 1.81 -26.44
CA THR B 99 -1.63 1.80 -26.44
C THR B 99 -1.81 1.32 -25.00
C THR B 99 -1.79 1.34 -24.99
N GLY B 100 -2.78 1.89 -24.31
CA GLY B 100 -2.99 1.61 -22.90
C GLY B 100 -3.42 0.19 -22.59
N SER B 101 -3.91 -0.55 -23.58
CA SER B 101 -4.29 -1.94 -23.38
C SER B 101 -3.14 -2.91 -23.60
N GLY B 102 -2.01 -2.44 -24.15
CA GLY B 102 -0.89 -3.30 -24.44
C GLY B 102 -1.11 -4.29 -25.56
N THR B 103 -2.15 -4.10 -26.37
CA THR B 103 -2.44 -5.05 -27.44
C THR B 103 -1.42 -4.99 -28.56
N GLN B 104 -0.66 -3.90 -28.67
N GLN B 104 -0.65 -3.91 -28.66
CA GLN B 104 0.41 -3.83 -29.67
CA GLN B 104 0.40 -3.85 -29.69
C GLN B 104 1.51 -4.83 -29.34
C GLN B 104 1.58 -4.76 -29.35
N THR B 105 1.84 -4.97 -28.05
CA THR B 105 2.80 -6.00 -27.66
C THR B 105 2.23 -7.39 -27.86
N ASN B 106 0.92 -7.55 -27.64
CA ASN B 106 0.26 -8.81 -27.92
C ASN B 106 0.40 -9.20 -29.39
N MET B 107 0.23 -8.23 -30.30
CA MET B 107 0.43 -8.51 -31.71
C MET B 107 1.90 -8.70 -32.05
N ASN B 108 2.79 -8.02 -31.34
CA ASN B 108 4.22 -8.29 -31.46
C ASN B 108 4.52 -9.75 -31.12
N VAL B 109 3.93 -10.24 -30.03
CA VAL B 109 4.17 -11.62 -29.62
C VAL B 109 3.54 -12.59 -30.60
N ASN B 110 2.35 -12.27 -31.12
CA ASN B 110 1.69 -13.15 -32.08
C ASN B 110 2.49 -13.24 -33.38
N GLU B 111 3.04 -12.12 -33.85
CA GLU B 111 3.83 -12.14 -35.07
C GLU B 111 5.11 -12.95 -34.89
N VAL B 112 5.81 -12.74 -33.78
CA VAL B 112 7.08 -13.43 -33.56
C VAL B 112 6.87 -14.94 -33.43
N ILE B 113 5.84 -15.34 -32.68
CA ILE B 113 5.61 -16.76 -32.44
C ILE B 113 5.21 -17.48 -33.73
N SER B 114 4.34 -16.84 -34.53
CA SER B 114 3.90 -17.47 -35.76
C SER B 114 5.02 -17.54 -36.79
N ASN B 115 5.81 -16.47 -36.91
CA ASN B 115 6.91 -16.48 -37.86
C ASN B 115 7.98 -17.49 -37.46
N ARG B 116 8.32 -17.55 -36.18
CA ARG B 116 9.28 -18.57 -35.71
C ARG B 116 8.72 -19.97 -35.90
N ALA B 117 7.44 -20.17 -35.58
CA ALA B 117 6.82 -21.47 -35.78
C ALA B 117 6.73 -21.81 -37.26
N ILE B 118 6.46 -20.80 -38.11
CA ILE B 118 6.49 -21.02 -39.55
C ILE B 118 7.86 -21.52 -39.98
N GLU B 119 8.93 -20.91 -39.45
CA GLU B 119 10.28 -21.31 -39.82
C GLU B 119 10.59 -22.73 -39.32
N MET B 120 10.10 -23.08 -38.13
CA MET B 120 10.28 -24.44 -37.63
C MET B 120 9.61 -25.46 -38.55
N LEU B 121 8.54 -25.06 -39.23
CA LEU B 121 7.84 -25.92 -40.17
C LEU B 121 8.25 -25.68 -41.62
N GLY B 122 9.38 -25.00 -41.84
CA GLY B 122 9.91 -24.82 -43.17
C GLY B 122 9.08 -23.92 -44.07
N GLY B 123 8.34 -22.97 -43.51
CA GLY B 123 7.53 -22.06 -44.29
C GLY B 123 8.26 -20.78 -44.63
N GLU B 124 7.53 -19.88 -45.29
CA GLU B 124 8.07 -18.58 -45.69
C GLU B 124 7.73 -17.55 -44.62
N LEU B 125 8.76 -16.85 -44.15
CA LEU B 125 8.57 -15.83 -43.13
C LEU B 125 7.70 -14.69 -43.65
N GLY B 126 6.75 -14.25 -42.83
CA GLY B 126 5.84 -13.19 -43.19
C GLY B 126 4.62 -13.61 -43.97
N SER B 127 4.42 -14.91 -44.17
CA SER B 127 3.33 -15.41 -45.01
C SER B 127 2.07 -15.76 -44.22
N LYS B 128 2.18 -15.89 -42.90
CA LYS B 128 1.10 -16.39 -42.03
C LYS B 128 0.70 -17.82 -42.38
N ILE B 129 1.57 -18.55 -43.07
CA ILE B 129 1.27 -19.91 -43.52
C ILE B 129 2.41 -20.83 -43.08
N PRO B 130 2.13 -21.95 -42.40
CA PRO B 130 0.79 -22.40 -42.02
C PRO B 130 0.32 -21.92 -40.65
N VAL B 131 1.14 -21.16 -39.95
CA VAL B 131 0.82 -20.66 -38.61
C VAL B 131 0.45 -19.19 -38.73
N HIS B 132 -0.83 -18.90 -38.57
CA HIS B 132 -1.36 -17.54 -38.66
C HIS B 132 -1.21 -16.83 -37.31
N PRO B 133 -0.82 -15.55 -37.31
CA PRO B 133 -0.66 -14.84 -36.03
C PRO B 133 -1.94 -14.75 -35.23
N ASN B 134 -3.08 -14.55 -35.88
CA ASN B 134 -4.37 -14.43 -35.21
C ASN B 134 -5.15 -15.74 -35.17
N ASP B 135 -5.26 -16.43 -36.32
CA ASP B 135 -6.11 -17.60 -36.40
C ASP B 135 -5.57 -18.76 -35.57
N HIS B 136 -4.26 -18.83 -35.35
CA HIS B 136 -3.65 -19.96 -34.67
C HIS B 136 -2.99 -19.55 -33.36
N VAL B 137 -2.05 -18.59 -33.39
CA VAL B 137 -1.38 -18.18 -32.16
C VAL B 137 -2.37 -17.52 -31.21
N ASN B 138 -3.34 -16.78 -31.74
CA ASN B 138 -4.39 -16.15 -30.95
C ASN B 138 -5.74 -16.84 -31.19
N LYS B 139 -5.72 -18.18 -31.22
CA LYS B 139 -6.94 -18.94 -31.48
C LYS B 139 -7.98 -18.73 -30.40
N SER B 140 -7.54 -18.40 -29.18
CA SER B 140 -8.46 -18.17 -28.07
C SER B 140 -9.42 -17.01 -28.34
N ARG B 141 -9.15 -16.20 -29.37
CA ARG B 141 -9.91 -14.99 -29.66
C ARG B 141 -9.83 -14.00 -28.49
N SER B 142 -8.77 -14.08 -27.72
CA SER B 142 -8.54 -13.15 -26.63
C SER B 142 -8.06 -11.81 -27.18
N SER B 143 -8.45 -10.72 -26.50
CA SER B 143 -8.04 -9.39 -26.93
C SER B 143 -7.51 -8.59 -25.75
N ASN B 144 -8.41 -7.96 -25.00
CA ASN B 144 -8.03 -7.09 -23.89
C ASN B 144 -7.72 -7.85 -22.61
N ASP B 145 -7.79 -9.18 -22.62
CA ASP B 145 -7.44 -9.99 -21.46
C ASP B 145 -6.04 -10.59 -21.55
N THR B 146 -5.38 -10.47 -22.70
CA THR B 146 -4.05 -11.05 -22.86
C THR B 146 -3.02 -10.30 -22.03
N PHE B 147 -2.89 -9.00 -22.26
CA PHE B 147 -1.90 -8.21 -21.51
C PHE B 147 -2.15 -8.23 -20.01
N PRO B 148 -3.39 -8.13 -19.49
CA PRO B 148 -3.57 -8.32 -18.05
C PRO B 148 -3.06 -9.66 -17.54
N THR B 149 -3.27 -10.74 -18.30
CA THR B 149 -2.78 -12.04 -17.90
C THR B 149 -1.25 -12.05 -17.83
N ALA B 150 -0.59 -11.51 -18.85
CA ALA B 150 0.86 -11.47 -18.86
C ALA B 150 1.40 -10.58 -17.75
N MET B 151 0.67 -9.53 -17.38
CA MET B 151 1.10 -8.67 -16.28
C MET B 151 1.21 -9.46 -14.99
N HIS B 152 0.18 -10.25 -14.66
CA HIS B 152 0.16 -10.97 -13.39
C HIS B 152 1.12 -12.15 -13.39
N ILE B 153 1.30 -12.80 -14.55
CA ILE B 153 2.30 -13.86 -14.63
C ILE B 153 3.70 -13.29 -14.39
N ALA B 154 3.99 -12.16 -15.02
CA ALA B 154 5.31 -11.54 -14.86
C ALA B 154 5.53 -11.05 -13.44
N ALA B 155 4.51 -10.42 -12.85
CA ALA B 155 4.64 -9.93 -11.48
C ALA B 155 4.84 -11.07 -10.50
N ALA B 156 4.05 -12.14 -10.64
CA ALA B 156 4.16 -13.27 -9.73
C ALA B 156 5.52 -13.95 -9.84
N ILE B 157 6.02 -14.11 -11.06
CA ILE B 157 7.33 -14.74 -11.25
C ILE B 157 8.43 -13.86 -10.68
N GLU B 158 8.36 -12.54 -10.92
CA GLU B 158 9.39 -11.64 -10.43
C GLU B 158 9.40 -11.58 -8.91
N VAL B 159 8.22 -11.65 -8.28
CA VAL B 159 8.14 -11.64 -6.83
C VAL B 159 8.74 -12.93 -6.26
N HIS B 160 8.41 -14.07 -6.88
N HIS B 160 8.44 -14.08 -6.86
CA HIS B 160 8.87 -15.37 -6.40
CA HIS B 160 8.92 -15.32 -6.29
C HIS B 160 10.36 -15.58 -6.66
C HIS B 160 10.34 -15.66 -6.71
N GLU B 161 10.86 -15.05 -7.77
CA GLU B 161 12.22 -15.36 -8.22
C GLU B 161 13.25 -14.30 -7.85
N VAL B 162 12.84 -13.03 -7.70
CA VAL B 162 13.78 -11.93 -7.48
C VAL B 162 13.53 -11.22 -6.16
N LEU B 163 12.29 -10.77 -5.94
CA LEU B 163 12.00 -9.89 -4.80
C LEU B 163 12.13 -10.64 -3.48
N LEU B 164 11.33 -11.68 -3.28
CA LEU B 164 11.37 -12.41 -2.02
C LEU B 164 12.70 -13.12 -1.77
N PRO B 165 13.34 -13.77 -2.75
CA PRO B 165 14.68 -14.32 -2.48
C PRO B 165 15.69 -13.28 -2.04
N GLY B 166 15.64 -12.08 -2.64
CA GLY B 166 16.55 -11.03 -2.23
C GLY B 166 16.30 -10.58 -0.80
N LEU B 167 15.03 -10.40 -0.44
CA LEU B 167 14.71 -9.99 0.94
C LEU B 167 15.03 -11.08 1.94
N GLN B 168 14.90 -12.34 1.54
CA GLN B 168 15.23 -13.45 2.44
C GLN B 168 16.71 -13.47 2.77
N LYS B 169 17.56 -13.21 1.78
CA LYS B 169 19.00 -13.11 2.04
C LYS B 169 19.29 -11.96 3.01
N LEU B 170 18.62 -10.82 2.82
CA LEU B 170 18.82 -9.70 3.72
C LEU B 170 18.34 -10.02 5.13
N HIS B 171 17.19 -10.69 5.24
CA HIS B 171 16.67 -11.06 6.55
C HIS B 171 17.65 -11.96 7.30
N ASP B 172 18.19 -12.97 6.61
CA ASP B 172 19.08 -13.92 7.28
C ASP B 172 20.40 -13.26 7.65
N ALA B 173 20.92 -12.37 6.80
CA ALA B 173 22.18 -11.70 7.11
C ALA B 173 22.02 -10.76 8.30
N LEU B 174 20.93 -10.00 8.35
CA LEU B 174 20.68 -9.13 9.50
C LEU B 174 20.48 -9.96 10.77
N ASP B 175 19.85 -11.12 10.65
CA ASP B 175 19.63 -11.98 11.81
C ASP B 175 20.95 -12.52 12.34
N ALA B 176 21.86 -12.91 11.43
CA ALA B 176 23.18 -13.38 11.87
C ALA B 176 23.95 -12.28 12.57
N LYS B 177 23.88 -11.05 12.04
CA LYS B 177 24.54 -9.92 12.69
C LYS B 177 23.93 -9.64 14.06
N SER B 178 22.60 -9.79 14.17
CA SER B 178 21.93 -9.56 15.44
C SER B 178 22.45 -10.53 16.51
N LYS B 179 22.56 -11.81 16.15
CA LYS B 179 23.09 -12.79 17.10
C LYS B 179 24.57 -12.54 17.38
N GLU B 180 25.33 -12.14 16.36
CA GLU B 180 26.74 -11.86 16.56
C GLU B 180 26.95 -10.64 17.46
N PHE B 181 26.03 -9.67 17.41
CA PHE B 181 26.12 -8.45 18.19
C PHE B 181 25.28 -8.51 19.47
N ALA B 182 24.89 -9.71 19.90
CA ALA B 182 23.91 -9.83 20.96
C ALA B 182 24.41 -9.35 22.32
N GLN B 183 25.72 -9.26 22.52
CA GLN B 183 26.28 -8.93 23.82
C GLN B 183 27.02 -7.59 23.84
N ILE B 184 26.84 -6.77 22.81
CA ILE B 184 27.52 -5.47 22.72
C ILE B 184 26.54 -4.40 23.15
N ILE B 185 26.70 -3.89 24.37
CA ILE B 185 25.83 -2.87 24.90
C ILE B 185 26.29 -1.51 24.41
N LYS B 186 25.36 -0.70 23.92
CA LYS B 186 25.64 0.62 23.37
C LYS B 186 24.61 1.61 23.92
N ILE B 187 24.88 2.89 23.72
CA ILE B 187 23.96 3.95 24.14
C ILE B 187 22.88 4.11 23.09
N GLY B 188 21.62 4.10 23.52
CA GLY B 188 20.52 4.31 22.61
C GLY B 188 20.39 5.75 22.17
N ARG B 189 19.58 5.95 21.14
CA ARG B 189 19.36 7.29 20.58
C ARG B 189 17.89 7.48 20.29
N THR B 190 17.27 8.44 20.96
CA THR B 190 15.91 8.88 20.68
C THR B 190 15.94 10.38 20.44
N HIS B 191 15.27 10.82 19.37
CA HIS B 191 15.37 12.19 18.87
C HIS B 191 16.79 12.55 18.49
N THR B 192 17.63 11.54 18.23
CA THR B 192 19.08 11.61 18.04
C THR B 192 19.82 11.96 19.34
N GLN B 193 19.14 12.05 20.47
CA GLN B 193 19.77 12.35 21.74
C GLN B 193 20.17 11.06 22.44
N ASP B 194 21.22 11.15 23.27
CA ASP B 194 21.65 10.02 24.07
C ASP B 194 20.49 9.48 24.91
N ALA B 195 20.31 8.16 24.87
CA ALA B 195 19.22 7.51 25.57
C ALA B 195 19.78 6.31 26.36
N VAL B 196 18.89 5.66 27.11
CA VAL B 196 19.24 4.50 27.92
C VAL B 196 19.74 3.38 27.01
N PRO B 197 20.56 2.45 27.50
CA PRO B 197 21.27 1.54 26.61
C PRO B 197 20.39 0.45 26.02
N LEU B 198 20.93 -0.16 24.96
CA LEU B 198 20.42 -1.38 24.36
C LEU B 198 21.59 -2.01 23.61
N THR B 199 21.42 -3.26 23.22
CA THR B 199 22.49 -3.94 22.50
C THR B 199 22.37 -3.69 21.00
N LEU B 200 23.50 -3.82 20.31
CA LEU B 200 23.48 -3.80 18.85
C LEU B 200 22.61 -4.91 18.30
N GLY B 201 22.61 -6.07 18.96
CA GLY B 201 21.76 -7.17 18.54
C GLY B 201 20.29 -6.85 18.68
N GLN B 202 19.91 -6.16 19.76
CA GLN B 202 18.53 -5.72 19.91
C GLN B 202 18.15 -4.74 18.82
N GLU B 203 19.03 -3.76 18.54
CA GLU B 203 18.78 -2.81 17.47
C GLU B 203 18.67 -3.50 16.12
N PHE B 204 19.55 -4.47 15.86
CA PHE B 204 19.50 -5.20 14.61
C PHE B 204 18.30 -6.15 14.56
N SER B 205 17.82 -6.60 15.72
CA SER B 205 16.62 -7.44 15.74
C SER B 205 15.41 -6.67 15.25
N GLY B 206 15.39 -5.34 15.49
CA GLY B 206 14.33 -4.54 14.91
C GLY B 206 14.37 -4.49 13.40
N TYR B 207 15.59 -4.40 12.84
CA TYR B 207 15.73 -4.49 11.39
C TYR B 207 15.25 -5.83 10.87
N VAL B 208 15.58 -6.91 11.58
CA VAL B 208 15.18 -8.25 11.16
C VAL B 208 13.65 -8.35 11.11
N GLN B 209 12.98 -7.82 12.13
CA GLN B 209 11.52 -7.89 12.17
C GLN B 209 10.90 -7.10 11.02
N GLN B 210 11.52 -5.98 10.66
CA GLN B 210 10.99 -5.18 9.55
C GLN B 210 11.05 -5.95 8.23
N VAL B 211 12.18 -6.62 7.98
CA VAL B 211 12.31 -7.39 6.74
C VAL B 211 11.38 -8.60 6.76
N LYS B 212 11.23 -9.23 7.92
CA LYS B 212 10.29 -10.34 8.05
C LYS B 212 8.87 -9.89 7.75
N TYR B 213 8.46 -8.76 8.33
CA TYR B 213 7.14 -8.23 8.07
C TYR B 213 6.98 -7.78 6.62
N ALA B 214 8.07 -7.33 6.00
CA ALA B 214 8.02 -6.93 4.60
C ALA B 214 7.72 -8.11 3.70
N MET B 215 8.37 -9.25 3.94
N MET B 215 8.37 -9.26 3.95
CA MET B 215 8.10 -10.45 3.15
CA MET B 215 8.11 -10.46 3.16
C MET B 215 6.68 -10.96 3.38
C MET B 215 6.69 -10.95 3.38
N THR B 216 6.17 -10.81 4.61
CA THR B 216 4.79 -11.20 4.87
C THR B 216 3.81 -10.28 4.17
N ARG B 217 4.12 -8.98 4.11
CA ARG B 217 3.25 -8.03 3.43
C ARG B 217 3.20 -8.30 1.93
N ILE B 218 4.35 -8.64 1.33
CA ILE B 218 4.38 -8.92 -0.10
C ILE B 218 3.60 -10.20 -0.41
N LYS B 219 3.79 -11.23 0.42
CA LYS B 219 3.05 -12.48 0.21
C LYS B 219 1.55 -12.28 0.35
N ALA B 220 1.14 -11.36 1.24
CA ALA B 220 -0.28 -11.09 1.43
C ALA B 220 -0.91 -10.39 0.24
N ALA B 221 -0.11 -9.81 -0.64
CA ALA B 221 -0.61 -9.14 -1.83
C ALA B 221 -0.66 -10.06 -3.05
N MET B 222 -0.18 -11.28 -2.93
CA MET B 222 -0.07 -12.23 -4.04
C MET B 222 -1.37 -12.95 -4.40
N PRO B 223 -2.27 -13.29 -3.46
CA PRO B 223 -3.49 -14.03 -3.86
C PRO B 223 -4.26 -13.40 -5.00
N ARG B 224 -4.39 -12.08 -5.01
N ARG B 224 -4.38 -12.07 -5.02
CA ARG B 224 -5.10 -11.40 -6.09
CA ARG B 224 -5.10 -11.41 -6.09
C ARG B 224 -4.26 -11.32 -7.36
C ARG B 224 -4.25 -11.19 -7.33
N ILE B 225 -2.93 -11.33 -7.22
CA ILE B 225 -2.08 -11.32 -8.41
C ILE B 225 -2.21 -12.65 -9.15
N TYR B 226 -2.48 -13.74 -8.42
CA TYR B 226 -2.61 -15.05 -9.03
C TYR B 226 -3.88 -15.21 -9.86
N GLU B 227 -4.82 -14.27 -9.75
CA GLU B 227 -6.05 -14.33 -10.55
C GLU B 227 -5.78 -13.78 -11.94
N LEU B 228 -6.07 -14.57 -12.97
CA LEU B 228 -5.75 -14.24 -14.34
C LEU B 228 -7.00 -13.83 -15.10
N ALA B 229 -6.87 -12.80 -15.93
CA ALA B 229 -7.99 -12.29 -16.72
C ALA B 229 -8.28 -13.12 -17.95
N ALA B 230 -7.41 -14.06 -18.31
CA ALA B 230 -7.56 -14.85 -19.53
C ALA B 230 -8.93 -15.51 -19.60
N GLY B 231 -9.67 -15.19 -20.65
CA GLY B 231 -11.03 -15.66 -20.82
C GLY B 231 -12.06 -14.55 -20.85
N GLY B 232 -11.69 -13.34 -20.41
CA GLY B 232 -12.61 -12.22 -20.44
C GLY B 232 -12.82 -11.61 -21.81
N THR B 233 -11.87 -11.79 -22.73
CA THR B 233 -11.92 -11.29 -24.11
C THR B 233 -12.09 -9.78 -24.07
N ALA B 234 -13.04 -9.21 -24.81
CA ALA B 234 -13.05 -7.77 -25.08
C ALA B 234 -13.48 -6.95 -23.86
N VAL B 235 -14.63 -7.26 -23.28
CA VAL B 235 -15.20 -6.45 -22.21
C VAL B 235 -15.38 -7.22 -20.91
N GLY B 236 -14.92 -8.47 -20.83
CA GLY B 236 -15.06 -9.28 -19.65
C GLY B 236 -16.17 -10.33 -19.71
N THR B 237 -17.02 -10.28 -20.73
CA THR B 237 -18.11 -11.25 -20.85
C THR B 237 -17.61 -12.62 -21.28
N GLY B 238 -16.46 -12.69 -21.93
CA GLY B 238 -16.01 -13.94 -22.51
C GLY B 238 -16.56 -14.22 -23.89
N LEU B 239 -17.18 -13.22 -24.53
CA LEU B 239 -17.70 -13.39 -25.88
C LEU B 239 -16.58 -13.79 -26.83
N ASN B 240 -16.86 -14.80 -27.66
CA ASN B 240 -16.03 -15.37 -28.72
C ASN B 240 -15.05 -16.42 -28.22
N THR B 241 -14.92 -16.62 -26.92
CA THR B 241 -14.09 -17.70 -26.39
C THR B 241 -14.96 -18.90 -26.04
N ARG B 242 -14.30 -20.05 -25.85
CA ARG B 242 -15.00 -21.29 -25.62
C ARG B 242 -15.16 -21.55 -24.12
N ILE B 243 -16.27 -22.18 -23.75
CA ILE B 243 -16.54 -22.47 -22.36
C ILE B 243 -15.47 -23.42 -21.82
N GLY B 244 -14.99 -23.10 -20.62
CA GLY B 244 -13.94 -23.88 -19.99
C GLY B 244 -12.53 -23.42 -20.31
N PHE B 245 -12.35 -22.55 -21.31
CA PHE B 245 -11.01 -22.10 -21.66
C PHE B 245 -10.37 -21.30 -20.53
N ALA B 246 -11.14 -20.42 -19.89
CA ALA B 246 -10.60 -19.57 -18.83
C ALA B 246 -10.01 -20.41 -17.70
N GLU B 247 -10.72 -21.45 -17.27
CA GLU B 247 -10.22 -22.30 -16.20
C GLU B 247 -9.05 -23.16 -16.67
N LYS B 248 -9.13 -23.67 -17.91
CA LYS B 248 -8.10 -24.59 -18.40
C LYS B 248 -6.77 -23.87 -18.63
N VAL B 249 -6.80 -22.68 -19.23
CA VAL B 249 -5.55 -21.98 -19.51
C VAL B 249 -4.91 -21.50 -18.21
N ALA B 250 -5.71 -21.17 -17.19
CA ALA B 250 -5.14 -20.78 -15.91
C ALA B 250 -4.49 -21.97 -15.22
N ALA B 251 -5.15 -23.14 -15.27
CA ALA B 251 -4.56 -24.34 -14.68
C ALA B 251 -3.32 -24.77 -15.42
N LYS B 252 -3.26 -24.55 -16.74
CA LYS B 252 -2.06 -24.88 -17.49
C LYS B 252 -0.92 -23.94 -17.16
N VAL B 253 -1.21 -22.65 -17.03
CA VAL B 253 -0.20 -21.69 -16.60
C VAL B 253 0.33 -22.06 -15.21
N ALA B 254 -0.56 -22.50 -14.33
CA ALA B 254 -0.14 -22.92 -13.00
C ALA B 254 0.80 -24.11 -13.07
N ALA B 255 0.52 -25.06 -13.96
CA ALA B 255 1.38 -26.23 -14.10
C ALA B 255 2.71 -25.88 -14.77
N LEU B 256 2.70 -24.93 -15.71
CA LEU B 256 3.93 -24.53 -16.38
C LEU B 256 4.86 -23.75 -15.44
N THR B 257 4.30 -22.96 -14.53
CA THR B 257 5.09 -22.11 -13.66
C THR B 257 5.32 -22.70 -12.27
N GLY B 258 4.49 -23.64 -11.84
CA GLY B 258 4.54 -24.12 -10.48
C GLY B 258 3.95 -23.18 -9.45
N LEU B 259 3.25 -22.13 -9.89
CA LEU B 259 2.63 -21.13 -9.04
C LEU B 259 1.11 -21.30 -9.05
N PRO B 260 0.43 -20.95 -7.95
CA PRO B 260 -1.02 -21.23 -7.85
C PRO B 260 -1.88 -20.21 -8.59
N PHE B 261 -1.69 -20.14 -9.91
CA PHE B 261 -2.53 -19.28 -10.73
C PHE B 261 -3.94 -19.85 -10.83
N VAL B 262 -4.93 -18.96 -10.78
CA VAL B 262 -6.34 -19.32 -10.97
C VAL B 262 -6.97 -18.28 -11.90
N THR B 263 -8.17 -18.60 -12.37
CA THR B 263 -8.91 -17.65 -13.18
C THR B 263 -9.61 -16.64 -12.27
N ALA B 264 -9.74 -15.42 -12.78
CA ALA B 264 -10.33 -14.35 -11.98
C ALA B 264 -11.82 -14.61 -11.77
N PRO B 265 -12.31 -14.60 -10.53
CA PRO B 265 -13.74 -14.85 -10.31
C PRO B 265 -14.64 -13.84 -10.98
N ASN B 266 -14.17 -12.61 -11.19
CA ASN B 266 -14.94 -11.56 -11.85
C ASN B 266 -14.06 -10.94 -12.92
N LYS B 267 -14.34 -11.25 -14.19
CA LYS B 267 -13.50 -10.80 -15.29
C LYS B 267 -13.65 -9.30 -15.57
N PHE B 268 -14.77 -8.70 -15.16
CA PHE B 268 -14.94 -7.26 -15.37
C PHE B 268 -14.04 -6.47 -14.43
N GLU B 269 -13.91 -6.92 -13.17
CA GLU B 269 -12.95 -6.31 -12.27
C GLU B 269 -11.52 -6.54 -12.74
N ALA B 270 -11.27 -7.64 -13.46
CA ALA B 270 -9.92 -7.97 -13.89
C ALA B 270 -9.48 -7.14 -15.09
N LEU B 271 -10.42 -6.65 -15.89
CA LEU B 271 -10.10 -5.82 -17.05
C LEU B 271 -10.23 -4.32 -16.77
N ALA B 272 -11.27 -3.92 -16.04
CA ALA B 272 -11.55 -2.52 -15.79
C ALA B 272 -10.62 -1.89 -14.77
N ALA B 273 -9.87 -2.68 -14.01
CA ALA B 273 -8.98 -2.14 -12.99
C ALA B 273 -7.82 -3.10 -12.78
N HIS B 274 -6.77 -2.57 -12.14
CA HIS B 274 -5.61 -3.36 -11.76
C HIS B 274 -5.23 -3.04 -10.32
N ASP B 275 -6.22 -3.18 -9.44
CA ASP B 275 -6.04 -2.90 -8.03
C ASP B 275 -5.06 -3.86 -7.37
N ALA B 276 -4.89 -5.07 -7.92
CA ALA B 276 -3.91 -6.00 -7.39
C ALA B 276 -2.49 -5.50 -7.60
N LEU B 277 -2.24 -4.82 -8.71
CA LEU B 277 -0.93 -4.21 -8.93
C LEU B 277 -0.71 -3.04 -7.98
N VAL B 278 -1.76 -2.26 -7.73
CA VAL B 278 -1.66 -1.17 -6.76
C VAL B 278 -1.40 -1.72 -5.37
N GLU B 279 -2.05 -2.82 -5.01
N GLU B 279 -2.07 -2.81 -5.02
CA GLU B 279 -1.81 -3.37 -3.68
CA GLU B 279 -1.88 -3.47 -3.73
C GLU B 279 -0.43 -4.00 -3.56
C GLU B 279 -0.45 -3.98 -3.59
N LEU B 280 0.07 -4.64 -4.63
CA LEU B 280 1.43 -5.16 -4.59
C LEU B 280 2.45 -4.03 -4.55
N SER B 281 2.23 -2.98 -5.36
CA SER B 281 3.08 -1.80 -5.28
C SER B 281 3.05 -1.18 -3.89
N GLY B 282 1.89 -1.24 -3.22
CA GLY B 282 1.80 -0.71 -1.88
C GLY B 282 2.63 -1.50 -0.88
N ALA B 283 2.69 -2.82 -1.05
CA ALA B 283 3.52 -3.64 -0.18
C ALA B 283 5.00 -3.36 -0.40
N MET B 284 5.39 -3.14 -1.66
CA MET B 284 6.78 -2.75 -1.94
C MET B 284 7.05 -1.34 -1.45
N ASN B 285 6.05 -0.46 -1.48
CA ASN B 285 6.22 0.87 -0.92
C ASN B 285 6.49 0.82 0.57
N THR B 286 5.75 -0.05 1.28
CA THR B 286 6.03 -0.25 2.70
C THR B 286 7.41 -0.85 2.91
N THR B 287 7.80 -1.81 2.06
CA THR B 287 9.13 -2.38 2.15
C THR B 287 10.21 -1.32 1.94
N ALA B 288 9.96 -0.37 1.04
CA ALA B 288 10.94 0.70 0.79
C ALA B 288 11.14 1.55 2.04
N CYS B 289 10.06 1.81 2.79
CA CYS B 289 10.18 2.56 4.04
C CYS B 289 11.02 1.80 5.06
N SER B 290 10.82 0.48 5.13
CA SER B 290 11.64 -0.33 6.04
C SER B 290 13.10 -0.28 5.63
N LEU B 291 13.39 -0.48 4.34
CA LEU B 291 14.78 -0.51 3.88
C LEU B 291 15.43 0.86 3.97
N MET B 292 14.68 1.93 3.76
CA MET B 292 15.22 3.27 3.95
C MET B 292 15.67 3.47 5.38
N LYS B 293 14.86 3.02 6.34
CA LYS B 293 15.23 3.13 7.75
C LYS B 293 16.47 2.30 8.06
N ILE B 294 16.49 1.05 7.58
CA ILE B 294 17.60 0.15 7.89
C ILE B 294 18.90 0.68 7.27
N ALA B 295 18.84 1.05 5.99
CA ALA B 295 20.06 1.47 5.30
C ALA B 295 20.57 2.81 5.83
N ASN B 296 19.67 3.74 6.12
CA ASN B 296 20.10 5.04 6.64
C ASN B 296 20.68 4.90 8.04
N ASP B 297 20.10 4.02 8.86
CA ASP B 297 20.64 3.78 10.19
C ASP B 297 22.06 3.26 10.12
N ILE B 298 22.29 2.24 9.29
CA ILE B 298 23.64 1.68 9.14
C ILE B 298 24.57 2.71 8.53
N ARG B 299 24.07 3.52 7.60
CA ARG B 299 24.85 4.62 7.05
C ARG B 299 25.37 5.53 8.16
N PHE B 300 24.50 5.93 9.07
CA PHE B 300 24.88 6.84 10.15
C PHE B 300 25.67 6.13 11.24
N LEU B 301 25.34 4.86 11.52
CA LEU B 301 26.07 4.13 12.54
C LEU B 301 27.53 3.92 12.14
N GLY B 302 27.80 3.84 10.84
CA GLY B 302 29.16 3.72 10.35
C GLY B 302 29.86 5.04 10.08
N SER B 303 29.19 6.17 10.35
CA SER B 303 29.78 7.47 10.09
C SER B 303 31.03 7.66 10.95
N GLY B 304 31.98 8.43 10.43
CA GLY B 304 33.23 8.68 11.11
C GLY B 304 34.38 8.88 10.15
N PRO B 305 35.56 8.37 10.52
CA PRO B 305 35.81 7.53 11.70
C PRO B 305 35.90 8.27 13.04
N ARG B 306 36.06 9.59 13.02
CA ARG B 306 36.34 10.32 14.26
C ARG B 306 35.37 11.47 14.54
N SER B 307 34.69 12.00 13.54
CA SER B 307 33.72 13.08 13.74
C SER B 307 32.29 12.62 13.49
N GLY B 308 32.03 11.32 13.56
CA GLY B 308 30.69 10.79 13.40
C GLY B 308 30.25 9.97 14.58
N LEU B 309 29.47 8.91 14.32
CA LEU B 309 29.03 8.03 15.40
C LEU B 309 30.00 6.88 15.63
N GLY B 310 30.50 6.28 14.56
CA GLY B 310 31.59 5.33 14.66
C GLY B 310 31.28 4.04 15.39
N GLU B 311 30.02 3.62 15.41
CA GLU B 311 29.68 2.36 16.06
C GLU B 311 30.02 1.16 15.18
N LEU B 312 29.82 1.27 13.88
CA LEU B 312 30.04 0.19 12.94
C LEU B 312 31.20 0.50 12.02
N ILE B 313 31.89 -0.55 11.58
CA ILE B 313 32.93 -0.46 10.57
C ILE B 313 32.44 -1.23 9.36
N LEU B 314 32.04 -0.51 8.31
CA LEU B 314 31.46 -1.12 7.13
C LEU B 314 32.56 -1.64 6.20
N PRO B 315 32.27 -2.67 5.42
CA PRO B 315 33.26 -3.17 4.46
C PRO B 315 33.51 -2.14 3.36
N GLU B 316 34.76 -2.04 2.95
CA GLU B 316 35.17 -1.12 1.90
C GLU B 316 35.11 -1.83 0.55
N ASN B 317 34.29 -1.31 -0.36
CA ASN B 317 34.15 -1.87 -1.70
C ASN B 317 34.87 -1.06 -2.76
N GLU B 318 34.78 0.26 -2.69
CA GLU B 318 35.53 1.08 -3.62
C GLU B 318 36.92 1.39 -3.07
N PRO B 319 37.93 1.47 -3.92
CA PRO B 319 39.28 1.81 -3.44
C PRO B 319 39.31 3.23 -2.89
N GLY B 320 39.92 3.37 -1.70
CA GLY B 320 40.10 4.67 -1.09
C GLY B 320 41.43 5.28 -1.45
N SER B 321 41.79 6.32 -0.71
CA SER B 321 43.10 6.96 -0.83
C SER B 321 44.03 6.43 0.25
N SER B 322 45.26 6.13 -0.13
CA SER B 322 46.25 5.68 0.85
C SER B 322 46.51 6.73 1.93
N ILE B 323 46.23 8.00 1.61
CA ILE B 323 46.35 9.08 2.59
C ILE B 323 45.09 9.24 3.43
N MET B 324 44.02 8.51 3.12
CA MET B 324 42.75 8.64 3.83
C MET B 324 42.31 7.28 4.36
N PRO B 325 42.99 6.75 5.36
CA PRO B 325 42.52 5.51 6.00
C PRO B 325 41.38 5.79 6.97
N GLY B 326 40.60 4.75 7.22
CA GLY B 326 39.43 4.86 8.06
C GLY B 326 38.21 5.45 7.37
N LYS B 327 38.39 6.15 6.25
CA LYS B 327 37.26 6.64 5.47
C LYS B 327 36.70 5.52 4.62
N VAL B 328 35.44 5.17 4.84
CA VAL B 328 34.73 4.17 4.06
C VAL B 328 33.36 4.74 3.73
N ASN B 329 33.16 5.12 2.47
CA ASN B 329 31.86 5.63 2.06
C ASN B 329 30.84 4.49 2.04
N PRO B 330 29.69 4.65 2.69
CA PRO B 330 28.66 3.59 2.71
C PRO B 330 27.88 3.53 1.40
N THR B 331 28.57 3.06 0.36
CA THR B 331 28.03 3.18 -0.99
C THR B 331 26.89 2.19 -1.24
N GLN B 332 26.90 1.04 -0.57
CA GLN B 332 25.75 0.14 -0.68
C GLN B 332 24.53 0.71 0.03
N CYS B 333 24.76 1.47 1.09
CA CYS B 333 23.67 2.14 1.78
C CYS B 333 23.04 3.20 0.88
N GLU B 334 23.88 3.90 0.11
CA GLU B 334 23.40 4.95 -0.78
C GLU B 334 22.60 4.36 -1.94
N ALA B 335 23.08 3.26 -2.51
CA ALA B 335 22.34 2.62 -3.59
C ALA B 335 20.99 2.09 -3.10
N MET B 336 20.95 1.59 -1.86
CA MET B 336 19.71 1.06 -1.33
C MET B 336 18.69 2.15 -1.04
N THR B 337 19.14 3.25 -0.42
CA THR B 337 18.22 4.34 -0.12
C THR B 337 17.74 5.05 -1.39
N MET B 338 18.59 5.11 -2.42
CA MET B 338 18.13 5.63 -3.70
C MET B 338 17.07 4.72 -4.31
N VAL B 339 17.24 3.41 -4.18
CA VAL B 339 16.24 2.47 -4.67
C VAL B 339 14.92 2.66 -3.92
N ALA B 340 15.00 2.83 -2.59
CA ALA B 340 13.79 3.02 -1.79
C ALA B 340 13.04 4.28 -2.22
N ALA B 341 13.77 5.37 -2.49
CA ALA B 341 13.12 6.59 -2.97
C ALA B 341 12.47 6.36 -4.33
N GLN B 342 13.11 5.57 -5.18
CA GLN B 342 12.56 5.29 -6.51
C GLN B 342 11.28 4.47 -6.40
N VAL B 343 11.23 3.53 -5.45
CA VAL B 343 10.03 2.70 -5.29
C VAL B 343 8.85 3.56 -4.84
N MET B 344 9.10 4.54 -3.97
CA MET B 344 8.01 5.41 -3.50
C MET B 344 7.44 6.22 -4.65
N GLY B 345 8.30 6.70 -5.55
CA GLY B 345 7.80 7.40 -6.72
C GLY B 345 7.09 6.48 -7.69
N ASN B 346 7.65 5.28 -7.91
CA ASN B 346 6.99 4.31 -8.77
C ASN B 346 5.58 3.98 -8.25
N HIS B 347 5.42 3.91 -6.93
CA HIS B 347 4.11 3.60 -6.37
C HIS B 347 3.08 4.67 -6.71
N VAL B 348 3.50 5.94 -6.68
CA VAL B 348 2.57 7.02 -7.05
C VAL B 348 2.17 6.91 -8.51
N ALA B 349 3.13 6.59 -9.38
CA ALA B 349 2.81 6.37 -10.79
C ALA B 349 1.84 5.21 -10.96
N VAL B 350 2.05 4.12 -10.23
CA VAL B 350 1.10 3.01 -10.26
C VAL B 350 -0.27 3.46 -9.75
N THR B 351 -0.27 4.27 -8.69
CA THR B 351 -1.54 4.70 -8.10
C THR B 351 -2.35 5.57 -9.07
N VAL B 352 -1.68 6.50 -9.76
CA VAL B 352 -2.39 7.36 -10.70
C VAL B 352 -2.98 6.54 -11.84
N GLY B 353 -2.21 5.62 -12.39
CA GLY B 353 -2.72 4.78 -13.46
C GLY B 353 -3.84 3.87 -13.00
N GLY B 354 -3.69 3.25 -11.83
CA GLY B 354 -4.71 2.36 -11.31
C GLY B 354 -6.01 3.05 -10.96
N SER B 355 -5.99 4.37 -10.76
CA SER B 355 -7.18 5.11 -10.42
C SER B 355 -7.94 5.62 -11.63
N ASN B 356 -7.36 5.55 -12.83
CA ASN B 356 -7.90 6.21 -14.01
C ASN B 356 -8.50 5.23 -15.02
N GLY B 357 -8.99 4.08 -14.54
CA GLY B 357 -9.71 3.19 -15.43
C GLY B 357 -11.01 3.81 -15.93
N HIS B 358 -11.43 3.41 -17.12
CA HIS B 358 -12.65 3.92 -17.74
C HIS B 358 -13.52 2.76 -18.15
N PHE B 359 -14.69 2.64 -17.50
CA PHE B 359 -15.71 1.67 -17.87
C PHE B 359 -15.16 0.25 -17.90
N GLU B 360 -15.14 -0.38 -19.08
CA GLU B 360 -14.81 -1.79 -19.17
C GLU B 360 -13.32 -2.08 -19.21
N LEU B 361 -12.47 -1.07 -19.40
CA LEU B 361 -11.05 -1.34 -19.60
C LEU B 361 -10.22 -0.21 -19.00
N ASN B 362 -9.29 -0.57 -18.13
CA ASN B 362 -8.23 0.34 -17.69
C ASN B 362 -7.14 0.35 -18.76
N VAL B 363 -6.87 1.52 -19.33
CA VAL B 363 -5.87 1.62 -20.39
C VAL B 363 -4.64 2.37 -19.90
N PHE B 364 -4.15 1.98 -18.72
CA PHE B 364 -2.84 2.39 -18.23
C PHE B 364 -1.95 1.18 -17.98
N LYS B 365 -2.24 0.06 -18.64
CA LYS B 365 -1.63 -1.21 -18.27
C LYS B 365 -0.12 -1.24 -18.43
N PRO B 366 0.47 -0.85 -19.57
CA PRO B 366 1.94 -0.97 -19.70
C PRO B 366 2.71 -0.16 -18.67
N MET B 367 2.28 1.06 -18.39
CA MET B 367 2.98 1.89 -17.40
C MET B 367 2.89 1.27 -16.00
N MET B 368 1.73 0.71 -15.65
CA MET B 368 1.56 0.15 -14.31
C MET B 368 2.48 -1.05 -14.10
N ILE B 369 2.52 -1.98 -15.06
CA ILE B 369 3.35 -3.16 -14.88
C ILE B 369 4.82 -2.82 -14.98
N LYS B 370 5.17 -1.78 -15.76
CA LYS B 370 6.57 -1.35 -15.83
C LYS B 370 7.07 -0.89 -14.47
N ASN B 371 6.29 -0.05 -13.79
CA ASN B 371 6.71 0.45 -12.49
C ASN B 371 6.68 -0.65 -11.43
N VAL B 372 5.75 -1.60 -11.53
CA VAL B 372 5.70 -2.70 -10.58
C VAL B 372 6.93 -3.60 -10.75
N LEU B 373 7.24 -3.97 -11.99
CA LEU B 373 8.42 -4.80 -12.24
C LEU B 373 9.70 -4.06 -11.91
N HIS B 374 9.75 -2.76 -12.20
CA HIS B 374 10.91 -1.94 -11.85
C HIS B 374 11.16 -1.97 -10.35
N SER B 375 10.10 -1.76 -9.56
CA SER B 375 10.25 -1.75 -8.10
C SER B 375 10.69 -3.11 -7.58
N ALA B 376 10.13 -4.19 -8.12
CA ALA B 376 10.46 -5.52 -7.63
C ALA B 376 11.90 -5.90 -7.96
N ARG B 377 12.36 -5.58 -9.17
CA ARG B 377 13.73 -5.90 -9.55
C ARG B 377 14.73 -5.09 -8.72
N LEU B 378 14.46 -3.79 -8.53
CA LEU B 378 15.39 -2.95 -7.79
C LEU B 378 15.49 -3.39 -6.33
N LEU B 379 14.34 -3.65 -5.69
CA LEU B 379 14.37 -4.07 -4.30
C LEU B 379 15.05 -5.42 -4.13
N GLY B 380 14.78 -6.36 -5.05
CA GLY B 380 15.43 -7.67 -4.96
C GLY B 380 16.92 -7.59 -5.21
N ASP B 381 17.32 -6.86 -6.27
CA ASP B 381 18.74 -6.76 -6.60
C ASP B 381 19.50 -5.99 -5.52
N ALA B 382 18.94 -4.87 -5.05
CA ALA B 382 19.62 -4.08 -4.04
C ALA B 382 19.74 -4.83 -2.72
N SER B 383 18.72 -5.63 -2.38
CA SER B 383 18.79 -6.41 -1.15
C SER B 383 19.93 -7.43 -1.22
N VAL B 384 20.13 -8.04 -2.39
CA VAL B 384 21.25 -8.96 -2.56
C VAL B 384 22.56 -8.20 -2.44
N SER B 385 22.69 -7.10 -3.17
CA SER B 385 23.93 -6.32 -3.14
C SER B 385 24.21 -5.75 -1.75
N PHE B 386 23.17 -5.20 -1.10
CA PHE B 386 23.34 -4.71 0.26
C PHE B 386 23.80 -5.80 1.20
N THR B 387 23.24 -7.01 1.05
CA THR B 387 23.60 -8.12 1.91
C THR B 387 25.06 -8.53 1.70
N GLU B 388 25.42 -8.87 0.46
CA GLU B 388 26.72 -9.47 0.21
C GLU B 388 27.86 -8.45 0.32
N ASN B 389 27.61 -7.21 -0.04
CA ASN B 389 28.66 -6.20 -0.11
C ASN B 389 28.68 -5.26 1.09
N CYS B 390 27.88 -5.52 2.13
CA CYS B 390 27.93 -4.66 3.30
C CYS B 390 27.55 -5.38 4.58
N VAL B 391 26.33 -5.94 4.62
CA VAL B 391 25.77 -6.43 5.88
C VAL B 391 26.63 -7.55 6.45
N VAL B 392 26.98 -8.54 5.63
CA VAL B 392 27.69 -9.72 6.13
C VAL B 392 29.07 -9.35 6.66
N GLY B 393 29.64 -8.25 6.17
CA GLY B 393 30.96 -7.83 6.58
C GLY B 393 30.99 -6.74 7.62
N ILE B 394 29.84 -6.32 8.14
CA ILE B 394 29.80 -5.26 9.14
C ILE B 394 30.49 -5.72 10.41
N GLN B 395 31.39 -4.88 10.92
CA GLN B 395 32.03 -5.10 12.21
C GLN B 395 31.63 -3.99 13.17
N ALA B 396 31.69 -4.32 14.46
CA ALA B 396 31.35 -3.36 15.52
C ALA B 396 32.62 -2.79 16.12
N ASN B 397 32.63 -1.48 16.35
CA ASN B 397 33.76 -0.80 16.97
C ASN B 397 33.56 -0.86 18.48
N THR B 398 33.83 -2.04 19.04
CA THR B 398 33.55 -2.28 20.45
C THR B 398 34.40 -1.40 21.35
N GLU B 399 35.63 -1.07 20.94
CA GLU B 399 36.47 -0.19 21.74
C GLU B 399 35.83 1.19 21.89
N ARG B 400 35.37 1.77 20.78
CA ARG B 400 34.70 3.07 20.84
C ARG B 400 33.36 2.97 21.54
N ILE B 401 32.64 1.86 21.35
CA ILE B 401 31.32 1.71 21.95
C ILE B 401 31.43 1.65 23.47
N ASN B 402 32.40 0.89 23.99
N ASN B 402 32.38 0.88 23.98
CA ASN B 402 32.54 0.76 25.43
CA ASN B 402 32.54 0.76 25.43
C ASN B 402 33.12 2.02 26.08
C ASN B 402 33.05 2.05 26.05
N LYS B 403 33.90 2.79 25.33
CA LYS B 403 34.43 4.04 25.87
C LYS B 403 33.31 5.06 26.07
N LEU B 404 32.48 5.27 25.05
CA LEU B 404 31.36 6.19 25.16
C LEU B 404 30.31 5.70 26.15
N MET B 405 30.25 4.39 26.39
CA MET B 405 29.33 3.86 27.41
C MET B 405 29.70 4.37 28.79
N ASN B 406 30.99 4.33 29.13
CA ASN B 406 31.44 4.78 30.44
C ASN B 406 31.46 6.29 30.58
N GLU B 407 31.51 7.02 29.46
CA GLU B 407 31.51 8.48 29.51
C GLU B 407 30.11 9.07 29.38
N SER B 408 29.09 8.25 29.14
CA SER B 408 27.75 8.74 28.93
C SER B 408 27.09 9.12 30.27
N LEU B 409 26.18 10.09 30.19
CA LEU B 409 25.35 10.46 31.32
C LEU B 409 24.12 9.58 31.47
N MET B 410 23.94 8.59 30.59
CA MET B 410 22.67 7.90 30.52
C MET B 410 22.53 6.77 31.53
N LEU B 411 23.62 6.29 32.12
CA LEU B 411 23.55 5.18 33.06
C LEU B 411 23.26 5.64 34.49
N VAL B 412 23.00 6.93 34.71
CA VAL B 412 22.91 7.46 36.07
C VAL B 412 21.66 6.94 36.80
N THR B 413 20.63 6.51 36.07
CA THR B 413 19.42 6.02 36.72
C THR B 413 19.64 4.72 37.47
N ALA B 414 20.79 4.06 37.28
CA ALA B 414 21.09 2.85 38.03
C ALA B 414 21.42 3.12 39.49
N LEU B 415 21.65 4.38 39.86
CA LEU B 415 21.98 4.75 41.23
C LEU B 415 20.78 5.25 42.03
N ASN B 416 19.64 5.47 41.38
CA ASN B 416 18.46 5.92 42.10
C ASN B 416 18.03 4.99 43.24
N PRO B 417 18.07 3.64 43.11
CA PRO B 417 17.74 2.80 44.27
C PRO B 417 18.93 2.56 45.18
N HIS B 418 19.79 3.57 45.31
CA HIS B 418 20.90 3.51 46.26
C HIS B 418 21.07 4.85 46.97
N ILE B 419 21.07 5.94 46.20
CA ILE B 419 21.28 7.28 46.73
C ILE B 419 20.10 8.20 46.49
N GLY B 420 19.01 7.70 45.93
CA GLY B 420 17.85 8.52 45.66
C GLY B 420 17.96 9.29 44.35
N TYR B 421 16.80 9.80 43.92
CA TYR B 421 16.73 10.49 42.64
C TYR B 421 17.58 11.76 42.62
N ASP B 422 17.47 12.59 43.67
CA ASP B 422 18.06 13.91 43.63
C ASP B 422 19.58 13.87 43.76
N LYS B 423 20.13 12.90 44.49
CA LYS B 423 21.57 12.74 44.51
C LYS B 423 22.09 12.26 43.17
N ALA B 424 21.33 11.41 42.48
CA ALA B 424 21.71 10.96 41.15
C ALA B 424 21.58 12.08 40.13
N ALA B 425 20.55 12.91 40.26
CA ALA B 425 20.38 14.04 39.35
C ALA B 425 21.51 15.04 39.51
N LYS B 426 22.02 15.21 40.73
CA LYS B 426 23.10 16.17 40.95
C LYS B 426 24.42 15.66 40.40
N ILE B 427 24.64 14.34 40.44
CA ILE B 427 25.84 13.77 39.82
C ILE B 427 25.80 14.00 38.31
N ALA B 428 24.64 13.77 37.69
CA ALA B 428 24.53 13.98 36.25
C ALA B 428 24.59 15.47 35.91
N LYS B 429 23.92 16.31 36.70
CA LYS B 429 23.96 17.75 36.45
C LYS B 429 25.38 18.30 36.57
N THR B 430 26.12 17.85 37.59
CA THR B 430 27.49 18.33 37.77
C THR B 430 28.40 17.78 36.68
N ALA B 431 28.30 16.49 36.38
CA ALA B 431 29.17 15.88 35.38
C ALA B 431 28.96 16.49 34.00
N HIS B 432 27.73 16.91 33.69
CA HIS B 432 27.48 17.56 32.41
C HIS B 432 28.19 18.90 32.32
N LYS B 433 28.06 19.73 33.36
CA LYS B 433 28.68 21.05 33.37
C LYS B 433 30.19 20.98 33.55
N ASN B 434 30.75 19.82 33.92
CA ASN B 434 32.18 19.69 34.17
C ASN B 434 32.92 18.94 33.08
N GLY B 435 32.21 18.29 32.16
CA GLY B 435 32.87 17.43 31.20
C GLY B 435 33.47 16.20 31.83
N SER B 436 32.90 15.73 32.94
CA SER B 436 33.42 14.59 33.69
C SER B 436 32.47 13.40 33.57
N THR B 437 33.00 12.22 33.85
CA THR B 437 32.20 11.01 33.82
C THR B 437 31.33 10.92 35.08
N LEU B 438 30.36 10.01 35.04
CA LEU B 438 29.46 9.84 36.18
C LEU B 438 30.22 9.33 37.41
N LYS B 439 31.11 8.36 37.21
CA LYS B 439 31.87 7.82 38.34
C LYS B 439 32.83 8.85 38.91
N GLU B 440 33.51 9.60 38.03
CA GLU B 440 34.42 10.63 38.49
C GLU B 440 33.71 11.69 39.32
N THR B 441 32.47 12.03 38.94
CA THR B 441 31.75 13.08 39.64
C THR B 441 31.10 12.55 40.92
N ALA B 442 30.58 11.32 40.88
CA ALA B 442 29.94 10.74 42.06
C ALA B 442 30.91 10.62 43.22
N ILE B 443 32.20 10.44 42.95
CA ILE B 443 33.18 10.35 44.01
C ILE B 443 33.70 11.73 44.42
N GLU B 444 33.93 12.61 43.44
CA GLU B 444 34.39 13.96 43.77
C GLU B 444 33.36 14.71 44.61
N LEU B 445 32.08 14.36 44.48
CA LEU B 445 31.04 14.89 45.34
C LEU B 445 30.92 14.12 46.64
N GLY B 446 31.62 13.00 46.79
CA GLY B 446 31.54 12.20 48.00
C GLY B 446 30.22 11.50 48.20
N TYR B 447 29.54 11.15 47.12
CA TYR B 447 28.26 10.46 47.21
C TYR B 447 28.41 8.94 47.28
N LEU B 448 29.51 8.39 46.78
CA LEU B 448 29.76 6.96 46.80
C LEU B 448 31.22 6.73 46.49
N THR B 449 31.66 5.48 46.66
CA THR B 449 33.02 5.09 46.34
C THR B 449 33.05 4.35 45.01
N ALA B 450 34.26 4.15 44.49
CA ALA B 450 34.41 3.49 43.20
C ALA B 450 33.85 2.07 43.23
N GLU B 451 34.21 1.31 44.27
CA GLU B 451 33.76 -0.08 44.37
C GLU B 451 32.24 -0.18 44.46
N GLN B 452 31.58 0.84 45.01
CA GLN B 452 30.12 0.85 45.03
C GLN B 452 29.54 1.18 43.65
N PHE B 453 30.17 2.11 42.92
CA PHE B 453 29.71 2.46 41.58
C PHE B 453 29.72 1.25 40.66
N ASP B 454 30.84 0.51 40.64
CA ASP B 454 30.93 -0.67 39.78
C ASP B 454 29.94 -1.75 40.19
N GLU B 455 29.56 -1.79 41.47
CA GLU B 455 28.60 -2.78 41.92
C GLU B 455 27.16 -2.39 41.58
N TRP B 456 26.86 -1.09 41.54
CA TRP B 456 25.50 -0.64 41.32
C TRP B 456 25.23 -0.32 39.85
N VAL B 457 26.21 0.23 39.13
CA VAL B 457 26.03 0.63 37.74
C VAL B 457 26.49 -0.55 36.89
N LYS B 458 25.54 -1.43 36.57
CA LYS B 458 25.80 -2.58 35.70
C LYS B 458 24.88 -2.48 34.48
N PRO B 459 25.41 -2.12 33.31
CA PRO B 459 24.53 -1.91 32.15
C PRO B 459 23.84 -3.18 31.66
N LYS B 460 24.43 -4.36 31.92
CA LYS B 460 23.78 -5.60 31.53
C LYS B 460 22.47 -5.82 32.27
N ASP B 461 22.25 -5.12 33.38
CA ASP B 461 21.01 -5.19 34.14
C ASP B 461 19.99 -4.14 33.72
N MET B 462 20.25 -3.41 32.63
CA MET B 462 19.38 -2.34 32.18
C MET B 462 18.85 -2.60 30.77
N LEU B 463 18.65 -3.87 30.43
CA LEU B 463 18.27 -4.24 29.07
C LEU B 463 16.88 -4.86 29.00
N GLY B 464 16.10 -4.81 30.09
CA GLY B 464 14.78 -5.37 30.09
C GLY B 464 13.95 -4.92 31.27
N PRO B 465 12.68 -5.34 31.30
CA PRO B 465 11.82 -4.99 32.43
C PRO B 465 12.18 -5.81 33.67
N LYS B 466 11.69 -5.33 34.81
CA LYS B 466 11.90 -6.01 36.08
C LYS B 466 10.57 -6.31 36.75
S SO4 C . -17.01 15.50 14.82
O1 SO4 C . -17.03 16.85 14.26
O2 SO4 C . -15.66 14.95 14.72
O3 SO4 C . -17.42 15.54 16.22
O4 SO4 C . -17.94 14.66 14.07
S SO4 D . -13.35 -11.65 8.52
O1 SO4 D . -11.93 -11.33 8.38
O2 SO4 D . -13.97 -10.72 9.47
O3 SO4 D . -13.49 -13.02 9.03
O4 SO4 D . -14.00 -11.54 7.22
C1 GOL E . 5.83 17.67 41.84
O1 GOL E . 5.39 17.18 43.07
C2 GOL E . 7.03 16.80 41.42
O2 GOL E . 6.86 15.47 41.77
C3 GOL E . 7.13 16.98 39.89
O3 GOL E . 6.74 15.78 39.31
CL CL F . 0.68 4.61 30.70
C1 GOL G . 19.83 -8.51 -17.17
O1 GOL G . 20.96 -7.84 -16.70
C2 GOL G . 18.88 -7.45 -17.75
O2 GOL G . 19.42 -6.82 -18.85
C3 GOL G . 17.59 -8.23 -18.10
O3 GOL G . 16.57 -7.29 -18.22
CL CL H . -3.89 -15.98 -26.37
#